data_4M0D
#
_entry.id   4M0D
#
_cell.length_a   76.127
_cell.length_b   111.650
_cell.length_c   134.509
_cell.angle_alpha   90.00
_cell.angle_beta   90.00
_cell.angle_gamma   90.00
#
_symmetry.space_group_name_H-M   'P 21 21 21'
#
loop_
_entity.id
_entity.type
_entity.pdbx_description
1 polymer 'N-acetylmuramic acid 6-phosphate etherase'
2 water water
#
_entity_poly.entity_id   1
_entity_poly.type   'polypeptide(L)'
_entity_poly.pdbx_seq_one_letter_code
;MNDIILKSLSTLITEQRNPNSVDIDRQSTLEIVRLMNEEDKLVPLAIESCLPQISLAVEQIVQAFQQGGRLIYIGAGTSG
RLGVLDASECPPTFGVSTEMVKGIIAGGECAIRHPVEGAEDNTKAVLNDLQSIHFSKNDVLVGIAASGRTPYVIAGLQYA
KSLGALTISIASNPKSEMAEIADIAIETIVGPEILTGSSRLKSGTAQKMVLNMLTTASMILLGKCYENLMVDVQASNEKL
KARAVRIVMQATDCNKTLAEQTLLEADQNAKLAIMMILSTLSKSEAKVLLERHQGKLRNALSK
;
_entity_poly.pdbx_strand_id   A,B,C,D
#
# COMPACT_ATOMS: atom_id res chain seq x y z
N ILE A 5 -19.85 13.81 23.05
CA ILE A 5 -18.87 13.13 22.20
C ILE A 5 -18.93 11.59 22.36
N LEU A 6 -19.16 11.15 23.61
CA LEU A 6 -19.47 9.74 23.90
C LEU A 6 -20.07 9.54 25.29
N LYS A 7 -19.19 9.26 26.26
CA LYS A 7 -19.49 9.20 27.70
C LYS A 7 -20.70 8.36 28.14
N SER A 8 -20.72 7.11 27.71
CA SER A 8 -21.87 6.21 27.87
C SER A 8 -21.49 4.95 27.12
N LEU A 9 -20.18 4.71 27.11
CA LEU A 9 -19.57 3.44 26.78
C LEU A 9 -19.92 2.51 27.91
N SER A 10 -20.42 3.11 29.00
CA SER A 10 -20.76 2.37 30.19
C SER A 10 -21.86 1.36 29.90
N THR A 11 -22.78 1.74 29.04
CA THR A 11 -23.91 0.88 28.73
C THR A 11 -23.57 -0.19 27.71
N LEU A 12 -22.32 -0.28 27.27
CA LEU A 12 -21.94 -1.21 26.22
C LEU A 12 -21.17 -2.38 26.76
N ILE A 13 -21.57 -3.58 26.36
CA ILE A 13 -20.88 -4.79 26.76
C ILE A 13 -19.41 -4.73 26.39
N THR A 14 -19.13 -4.12 25.24
CA THR A 14 -17.79 -4.05 24.65
C THR A 14 -16.81 -3.18 25.44
N GLU A 15 -17.32 -2.31 26.30
CA GLU A 15 -16.46 -1.46 27.11
C GLU A 15 -16.44 -1.95 28.55
N GLN A 16 -17.03 -3.11 28.76
CA GLN A 16 -17.20 -3.61 30.11
C GLN A 16 -16.06 -4.51 30.57
N ARG A 17 -15.83 -4.46 31.87
CA ARG A 17 -14.75 -5.20 32.48
C ARG A 17 -15.16 -6.64 32.73
N ASN A 18 -14.23 -7.54 32.44
CA ASN A 18 -14.43 -8.97 32.64
C ASN A 18 -14.00 -9.33 34.06
N PRO A 19 -14.91 -9.90 34.85
CA PRO A 19 -14.64 -10.23 36.24
C PRO A 19 -13.46 -11.19 36.34
N ASN A 20 -13.52 -12.26 35.58
CA ASN A 20 -12.47 -13.25 35.64
C ASN A 20 -11.14 -12.82 35.01
N SER A 21 -10.85 -11.51 35.01
CA SER A 21 -9.58 -11.03 34.47
C SER A 21 -9.00 -9.83 35.22
N VAL A 22 -9.58 -9.48 36.37
CA VAL A 22 -9.19 -8.26 37.10
C VAL A 22 -7.75 -8.25 37.63
N ASP A 23 -7.12 -9.42 37.71
CA ASP A 23 -5.74 -9.48 38.17
C ASP A 23 -4.94 -10.21 37.14
N ILE A 24 -5.18 -9.86 35.88
CA ILE A 24 -4.50 -10.53 34.78
C ILE A 24 -3.04 -10.07 34.71
N ASP A 25 -2.79 -8.83 35.15
CA ASP A 25 -1.42 -8.34 35.24
C ASP A 25 -0.67 -9.06 36.37
N ARG A 26 -1.40 -9.78 37.22
CA ARG A 26 -0.82 -10.52 38.34
C ARG A 26 -0.74 -12.03 38.07
N GLN A 27 -1.56 -12.53 37.15
CA GLN A 27 -1.62 -13.97 36.89
C GLN A 27 -0.39 -14.49 36.13
N SER A 28 -0.33 -15.80 35.91
CA SER A 28 0.85 -16.41 35.29
C SER A 28 0.77 -16.55 33.77
N THR A 29 1.88 -16.96 33.16
CA THR A 29 1.93 -17.13 31.71
C THR A 29 0.89 -18.14 31.24
N LEU A 30 0.71 -19.22 32.00
CA LEU A 30 -0.24 -20.26 31.63
C LEU A 30 -1.67 -19.91 32.06
N GLU A 31 -1.83 -19.17 33.16
CA GLU A 31 -3.16 -18.75 33.60
C GLU A 31 -3.79 -17.84 32.58
N ILE A 32 -2.99 -16.94 32.03
CA ILE A 32 -3.45 -15.94 31.06
C ILE A 32 -3.95 -16.56 29.75
N VAL A 33 -3.16 -17.49 29.19
CA VAL A 33 -3.54 -18.12 27.93
C VAL A 33 -4.72 -19.06 28.10
N ARG A 34 -4.74 -19.80 29.19
CA ARG A 34 -5.86 -20.68 29.53
C ARG A 34 -7.14 -19.85 29.62
N LEU A 35 -7.06 -18.71 30.30
CA LEU A 35 -8.21 -17.85 30.42
C LEU A 35 -8.71 -17.40 29.06
N MET A 36 -7.83 -16.75 28.28
CA MET A 36 -8.16 -16.36 26.91
C MET A 36 -8.84 -17.50 26.14
N ASN A 37 -8.22 -18.67 26.14
CA ASN A 37 -8.79 -19.87 25.55
C ASN A 37 -10.16 -20.24 26.11
N GLU A 38 -10.34 -20.09 27.43
CA GLU A 38 -11.62 -20.39 28.06
C GLU A 38 -12.65 -19.38 27.56
N GLU A 39 -12.20 -18.17 27.31
CA GLU A 39 -13.04 -17.11 26.79
C GLU A 39 -13.35 -17.33 25.29
N ASP A 40 -12.38 -17.88 24.56
CA ASP A 40 -12.56 -18.18 23.14
C ASP A 40 -13.68 -19.20 22.89
N LYS A 41 -13.96 -20.02 23.90
CA LYS A 41 -14.98 -21.06 23.79
C LYS A 41 -16.34 -20.42 23.55
N LEU A 42 -16.55 -19.24 24.14
CA LEU A 42 -17.81 -18.53 24.06
C LEU A 42 -18.10 -18.00 22.67
N VAL A 43 -17.06 -17.78 21.87
CA VAL A 43 -17.23 -17.16 20.56
C VAL A 43 -18.08 -18.02 19.61
N PRO A 44 -17.77 -19.32 19.45
CA PRO A 44 -18.67 -20.11 18.59
C PRO A 44 -20.09 -20.29 19.13
N LEU A 45 -20.31 -20.09 20.42
CA LEU A 45 -21.64 -20.22 20.97
C LEU A 45 -22.47 -19.03 20.55
N ALA A 46 -21.83 -17.87 20.54
CA ALA A 46 -22.52 -16.64 20.24
C ALA A 46 -22.80 -16.48 18.74
N ILE A 47 -21.99 -17.12 17.91
CA ILE A 47 -22.29 -17.22 16.49
C ILE A 47 -23.51 -18.10 16.29
N GLU A 48 -23.62 -19.15 17.10
CA GLU A 48 -24.71 -20.11 17.03
C GLU A 48 -26.10 -19.50 17.20
N SER A 49 -26.23 -18.57 18.15
CA SER A 49 -27.49 -17.83 18.30
C SER A 49 -27.85 -17.02 17.05
N CYS A 50 -26.84 -16.66 16.28
CA CYS A 50 -26.97 -15.73 15.16
C CYS A 50 -27.27 -16.40 13.82
N LEU A 51 -27.18 -17.73 13.78
CA LEU A 51 -27.25 -18.48 12.52
C LEU A 51 -28.46 -18.22 11.60
N PRO A 52 -29.67 -18.08 12.16
CA PRO A 52 -30.76 -17.86 11.19
C PRO A 52 -30.63 -16.52 10.49
N GLN A 53 -30.25 -15.46 11.21
CA GLN A 53 -30.03 -14.20 10.50
C GLN A 53 -28.88 -14.31 9.52
N ILE A 54 -27.89 -15.16 9.84
CA ILE A 54 -26.76 -15.39 8.96
C ILE A 54 -27.16 -16.14 7.67
N SER A 55 -28.03 -17.13 7.83
N SER A 55 -28.04 -17.12 7.82
CA SER A 55 -28.57 -17.89 6.71
CA SER A 55 -28.50 -17.87 6.64
C SER A 55 -29.26 -16.94 5.73
C SER A 55 -29.31 -16.97 5.71
N LEU A 56 -30.15 -16.11 6.27
CA LEU A 56 -30.91 -15.17 5.46
C LEU A 56 -30.00 -14.16 4.76
N ALA A 57 -29.01 -13.66 5.50
CA ALA A 57 -27.96 -12.85 4.92
C ALA A 57 -27.34 -13.49 3.66
N VAL A 58 -26.87 -14.73 3.79
CA VAL A 58 -26.29 -15.47 2.68
C VAL A 58 -27.24 -15.56 1.46
N GLU A 59 -28.49 -15.89 1.73
CA GLU A 59 -29.42 -16.20 0.66
C GLU A 59 -29.73 -14.94 -0.16
N GLN A 60 -29.76 -13.80 0.52
CA GLN A 60 -30.01 -12.54 -0.15
C GLN A 60 -28.75 -12.05 -0.90
N ILE A 61 -27.58 -12.52 -0.47
CA ILE A 61 -26.35 -12.15 -1.15
C ILE A 61 -26.26 -12.92 -2.47
N VAL A 62 -26.66 -14.18 -2.47
CA VAL A 62 -26.71 -14.96 -3.70
C VAL A 62 -27.64 -14.26 -4.69
N GLN A 63 -28.83 -13.90 -4.22
CA GLN A 63 -29.77 -13.12 -5.01
C GLN A 63 -29.11 -11.92 -5.67
N ALA A 64 -28.38 -11.14 -4.87
CA ALA A 64 -27.71 -9.96 -5.39
C ALA A 64 -26.62 -10.39 -6.35
N PHE A 65 -25.82 -11.36 -5.92
CA PHE A 65 -24.76 -11.89 -6.76
C PHE A 65 -25.37 -12.14 -8.14
N GLN A 66 -26.53 -12.77 -8.14
CA GLN A 66 -27.22 -13.18 -9.36
C GLN A 66 -27.75 -12.04 -10.23
N GLN A 67 -28.23 -10.96 -9.63
CA GLN A 67 -28.50 -9.75 -10.41
C GLN A 67 -27.21 -8.97 -10.79
N GLY A 68 -26.06 -9.53 -10.47
CA GLY A 68 -24.77 -8.95 -10.84
C GLY A 68 -24.12 -7.98 -9.87
N GLY A 69 -24.72 -7.81 -8.70
CA GLY A 69 -24.16 -6.97 -7.65
C GLY A 69 -22.95 -7.57 -6.94
N ARG A 70 -22.36 -6.81 -6.03
CA ARG A 70 -21.14 -7.25 -5.34
C ARG A 70 -21.34 -7.30 -3.82
N LEU A 71 -20.56 -8.15 -3.14
CA LEU A 71 -20.51 -8.12 -1.67
C LEU A 71 -19.49 -7.11 -1.22
N ILE A 72 -19.93 -6.04 -0.56
CA ILE A 72 -19.03 -4.99 -0.10
C ILE A 72 -18.92 -4.92 1.43
N TYR A 73 -17.70 -5.06 1.95
CA TYR A 73 -17.45 -4.92 3.39
C TYR A 73 -16.96 -3.54 3.76
N ILE A 74 -17.41 -3.02 4.91
CA ILE A 74 -16.82 -1.81 5.49
C ILE A 74 -16.51 -1.93 6.99
N GLY A 75 -15.36 -1.40 7.39
CA GLY A 75 -15.01 -1.34 8.79
C GLY A 75 -13.76 -0.54 9.09
N ALA A 76 -13.59 -0.15 10.35
CA ALA A 76 -12.38 0.56 10.80
C ALA A 76 -11.46 -0.45 11.39
N GLY A 77 -10.18 -0.10 11.55
CA GLY A 77 -9.19 -0.95 12.18
C GLY A 77 -9.33 -2.46 11.94
N THR A 78 -9.63 -3.19 13.00
CA THR A 78 -9.64 -4.65 12.93
C THR A 78 -10.75 -5.15 12.01
N SER A 79 -11.97 -4.69 12.28
CA SER A 79 -13.12 -5.04 11.45
C SER A 79 -12.84 -4.78 9.97
N GLY A 80 -12.40 -3.57 9.64
CA GLY A 80 -11.93 -3.29 8.29
C GLY A 80 -10.91 -4.29 7.78
N ARG A 81 -9.82 -4.47 8.52
CA ARG A 81 -8.78 -5.41 8.13
C ARG A 81 -9.28 -6.83 7.84
N LEU A 82 -10.25 -7.30 8.63
CA LEU A 82 -10.82 -8.65 8.48
C LEU A 82 -11.74 -8.77 7.27
N GLY A 83 -12.38 -7.66 6.91
CA GLY A 83 -13.15 -7.58 5.68
C GLY A 83 -12.31 -7.72 4.42
N VAL A 84 -11.09 -7.19 4.45
CA VAL A 84 -10.18 -7.26 3.32
C VAL A 84 -9.64 -8.68 3.23
N LEU A 85 -9.49 -9.28 4.42
CA LEU A 85 -8.86 -10.58 4.58
C LEU A 85 -9.80 -11.71 4.15
N ASP A 86 -11.10 -11.52 4.32
CA ASP A 86 -12.07 -12.46 3.70
C ASP A 86 -12.18 -12.22 2.18
N ALA A 87 -12.27 -10.96 1.77
CA ALA A 87 -12.36 -10.61 0.35
C ALA A 87 -11.16 -11.09 -0.46
N SER A 88 -10.01 -11.22 0.19
CA SER A 88 -8.79 -11.57 -0.50
C SER A 88 -8.75 -13.04 -0.90
N GLU A 89 -9.42 -13.88 -0.13
CA GLU A 89 -9.32 -15.32 -0.35
C GLU A 89 -10.29 -15.82 -1.40
N CYS A 90 -11.27 -15.00 -1.76
CA CYS A 90 -12.37 -15.47 -2.60
C CYS A 90 -12.00 -15.83 -4.05
N PRO A 91 -11.14 -15.02 -4.70
CA PRO A 91 -10.70 -15.48 -6.03
C PRO A 91 -9.92 -16.80 -6.05
N PRO A 92 -8.80 -16.94 -5.32
CA PRO A 92 -8.07 -18.22 -5.47
C PRO A 92 -8.85 -19.43 -4.96
N THR A 93 -9.76 -19.22 -4.01
CA THR A 93 -10.60 -20.30 -3.50
C THR A 93 -11.73 -20.65 -4.48
N PHE A 94 -12.49 -19.65 -4.89
CA PHE A 94 -13.73 -19.88 -5.63
C PHE A 94 -13.66 -19.56 -7.13
N GLY A 95 -12.62 -18.87 -7.57
CA GLY A 95 -12.42 -18.62 -8.98
C GLY A 95 -13.07 -17.36 -9.51
N VAL A 96 -13.72 -16.61 -8.63
CA VAL A 96 -14.48 -15.44 -9.03
C VAL A 96 -13.65 -14.19 -9.36
N SER A 97 -14.35 -13.23 -9.93
CA SER A 97 -13.80 -11.92 -10.19
C SER A 97 -13.28 -11.33 -8.87
N THR A 98 -12.18 -10.59 -8.94
CA THR A 98 -11.63 -9.88 -7.79
C THR A 98 -12.57 -8.78 -7.31
N GLU A 99 -13.53 -8.43 -8.17
CA GLU A 99 -14.51 -7.39 -7.87
C GLU A 99 -15.73 -7.94 -7.15
N MET A 100 -15.93 -9.25 -7.23
CA MET A 100 -17.17 -9.82 -6.70
C MET A 100 -17.34 -9.57 -5.20
N VAL A 101 -16.24 -9.63 -4.45
CA VAL A 101 -16.23 -9.34 -3.01
C VAL A 101 -15.05 -8.43 -2.70
N LYS A 102 -15.36 -7.20 -2.30
CA LYS A 102 -14.34 -6.19 -2.03
C LYS A 102 -14.48 -5.78 -0.61
N GLY A 103 -13.36 -5.77 0.11
CA GLY A 103 -13.33 -5.19 1.44
C GLY A 103 -12.82 -3.76 1.41
N ILE A 104 -13.58 -2.85 2.03
CA ILE A 104 -13.16 -1.45 2.19
C ILE A 104 -12.88 -1.09 3.67
N ILE A 105 -11.70 -0.52 3.93
CA ILE A 105 -11.32 -0.05 5.27
C ILE A 105 -11.15 1.46 5.32
N ALA A 106 -11.73 2.10 6.34
CA ALA A 106 -11.57 3.53 6.56
C ALA A 106 -10.12 3.92 6.65
N GLY A 107 -9.73 4.95 5.90
CA GLY A 107 -8.34 5.38 5.85
C GLY A 107 -7.63 4.82 4.64
N GLY A 108 -8.33 4.08 3.80
CA GLY A 108 -7.73 3.60 2.57
C GLY A 108 -6.66 2.58 2.85
N GLU A 109 -5.72 2.41 1.92
CA GLU A 109 -4.75 1.31 2.00
C GLU A 109 -3.84 1.33 3.23
N CYS A 110 -3.37 2.51 3.62
CA CYS A 110 -2.45 2.59 4.75
C CYS A 110 -3.06 2.02 6.03
N ALA A 111 -4.37 2.13 6.14
CA ALA A 111 -5.12 1.61 7.28
C ALA A 111 -4.98 0.10 7.43
N ILE A 112 -4.64 -0.59 6.35
CA ILE A 112 -4.41 -2.03 6.44
C ILE A 112 -3.31 -2.34 7.46
N ARG A 113 -2.20 -1.62 7.38
CA ARG A 113 -1.08 -1.90 8.28
C ARG A 113 -1.12 -1.10 9.58
N HIS A 114 -1.73 0.07 9.57
CA HIS A 114 -1.71 0.91 10.78
C HIS A 114 -2.90 1.85 10.88
N PRO A 115 -3.33 2.17 12.10
CA PRO A 115 -4.47 3.07 12.33
C PRO A 115 -4.32 4.44 11.65
N VAL A 116 -5.46 5.08 11.37
CA VAL A 116 -5.49 6.43 10.86
C VAL A 116 -6.28 7.31 11.83
N GLU A 117 -5.75 8.48 12.14
CA GLU A 117 -6.42 9.39 13.06
C GLU A 117 -7.86 9.70 12.64
N GLY A 118 -8.81 9.30 13.48
CA GLY A 118 -10.22 9.64 13.31
C GLY A 118 -10.88 9.06 12.06
N ALA A 119 -10.21 8.08 11.47
CA ALA A 119 -10.72 7.48 10.25
C ALA A 119 -12.10 6.92 10.49
N GLU A 120 -12.37 6.52 11.74
CA GLU A 120 -13.64 5.90 12.11
C GLU A 120 -14.67 6.94 12.48
N ASP A 121 -14.29 8.21 12.43
CA ASP A 121 -15.24 9.27 12.75
C ASP A 121 -15.58 10.09 11.50
N ASN A 122 -14.92 9.74 10.39
CA ASN A 122 -14.98 10.51 9.15
C ASN A 122 -16.17 10.16 8.25
N THR A 123 -17.30 10.78 8.55
CA THR A 123 -18.55 10.51 7.85
C THR A 123 -18.52 10.92 6.38
N LYS A 124 -17.66 11.85 6.02
CA LYS A 124 -17.50 12.25 4.63
C LYS A 124 -16.68 11.23 3.82
N ALA A 125 -15.70 10.62 4.46
CA ALA A 125 -14.79 9.73 3.75
C ALA A 125 -15.50 8.48 3.24
N VAL A 126 -16.45 7.96 4.00
CA VAL A 126 -17.13 6.73 3.60
C VAL A 126 -17.96 6.98 2.36
N LEU A 127 -18.56 8.16 2.30
CA LEU A 127 -19.33 8.56 1.14
C LEU A 127 -18.44 8.60 -0.11
N ASN A 128 -17.18 8.99 0.03
CA ASN A 128 -16.26 8.96 -1.11
C ASN A 128 -15.73 7.57 -1.42
N ASP A 129 -15.55 6.76 -0.38
CA ASP A 129 -15.00 5.44 -0.60
C ASP A 129 -16.05 4.64 -1.36
N LEU A 130 -17.31 4.76 -0.94
CA LEU A 130 -18.40 4.02 -1.58
C LEU A 130 -18.69 4.55 -2.99
N GLN A 131 -18.65 5.87 -3.17
CA GLN A 131 -18.83 6.46 -4.49
C GLN A 131 -17.74 6.05 -5.49
N SER A 132 -16.51 5.89 -5.00
CA SER A 132 -15.38 5.56 -5.88
C SER A 132 -15.44 4.16 -6.48
N ILE A 133 -16.21 3.28 -5.84
CA ILE A 133 -16.39 1.93 -6.38
C ILE A 133 -17.76 1.81 -7.04
N HIS A 134 -18.38 2.96 -7.28
CA HIS A 134 -19.67 3.00 -7.95
C HIS A 134 -20.67 2.13 -7.20
N PHE A 135 -20.83 2.36 -5.89
CA PHE A 135 -21.71 1.54 -5.09
C PHE A 135 -23.15 1.75 -5.54
N SER A 136 -23.86 0.66 -5.81
CA SER A 136 -25.20 0.77 -6.40
C SER A 136 -26.28 -0.10 -5.76
N LYS A 137 -27.52 0.12 -6.20
CA LYS A 137 -28.69 -0.61 -5.72
C LYS A 137 -28.52 -2.14 -5.78
N ASN A 138 -27.87 -2.66 -6.81
CA ASN A 138 -27.64 -4.10 -6.92
C ASN A 138 -26.69 -4.68 -5.88
N ASP A 139 -26.00 -3.82 -5.13
CA ASP A 139 -24.96 -4.26 -4.20
C ASP A 139 -25.44 -4.60 -2.79
N VAL A 140 -24.59 -5.29 -2.02
CA VAL A 140 -24.84 -5.50 -0.59
C VAL A 140 -23.72 -4.96 0.31
N LEU A 141 -24.06 -4.00 1.17
CA LEU A 141 -23.13 -3.49 2.15
C LEU A 141 -23.26 -4.26 3.49
N VAL A 142 -22.14 -4.85 3.94
CA VAL A 142 -22.06 -5.44 5.26
C VAL A 142 -21.22 -4.50 6.12
N GLY A 143 -21.86 -3.80 7.04
CA GLY A 143 -21.17 -2.88 7.94
C GLY A 143 -20.69 -3.57 9.21
N ILE A 144 -19.42 -3.38 9.54
CA ILE A 144 -18.78 -4.17 10.59
C ILE A 144 -18.07 -3.35 11.64
N ALA A 145 -18.56 -3.44 12.86
CA ALA A 145 -17.91 -2.82 14.00
C ALA A 145 -18.51 -3.35 15.33
N ALA A 146 -17.65 -3.75 16.26
CA ALA A 146 -18.09 -4.39 17.51
C ALA A 146 -19.03 -3.54 18.36
N SER A 147 -18.76 -2.25 18.45
CA SER A 147 -19.55 -1.32 19.26
C SER A 147 -20.95 -1.04 18.72
N GLY A 148 -21.15 -1.31 17.43
CA GLY A 148 -22.39 -0.95 16.75
C GLY A 148 -22.63 0.55 16.67
N ARG A 149 -21.60 1.36 16.91
CA ARG A 149 -21.78 2.81 16.92
C ARG A 149 -20.72 3.63 16.17
N THR A 150 -19.93 2.98 15.32
CA THR A 150 -18.88 3.68 14.59
C THR A 150 -19.43 4.59 13.45
N PRO A 151 -19.34 5.93 13.63
CA PRO A 151 -19.91 6.90 12.68
C PRO A 151 -19.61 6.61 11.20
N TYR A 152 -18.38 6.23 10.91
CA TYR A 152 -18.00 5.84 9.56
C TYR A 152 -18.93 4.74 9.03
N VAL A 153 -19.12 3.69 9.82
CA VAL A 153 -19.90 2.55 9.38
C VAL A 153 -21.37 2.94 9.32
N ILE A 154 -21.79 3.74 10.28
CA ILE A 154 -23.17 4.21 10.37
C ILE A 154 -23.56 4.99 9.12
N ALA A 155 -22.74 5.98 8.80
CA ALA A 155 -22.94 6.78 7.58
C ALA A 155 -22.88 5.93 6.29
N GLY A 156 -22.07 4.88 6.31
CA GLY A 156 -21.96 3.98 5.17
C GLY A 156 -23.25 3.21 4.93
N LEU A 157 -23.84 2.70 6.00
CA LEU A 157 -25.06 1.92 5.89
C LEU A 157 -26.19 2.80 5.36
N GLN A 158 -26.11 4.08 5.69
CA GLN A 158 -27.19 5.01 5.41
C GLN A 158 -27.24 5.31 3.91
N TYR A 159 -26.07 5.61 3.34
CA TYR A 159 -25.97 5.91 1.94
C TYR A 159 -26.45 4.68 1.20
N ALA A 160 -26.01 3.52 1.67
CA ALA A 160 -26.39 2.26 1.03
C ALA A 160 -27.90 2.09 1.07
N LYS A 161 -28.47 2.39 2.22
CA LYS A 161 -29.90 2.30 2.40
C LYS A 161 -30.61 3.30 1.47
N SER A 162 -29.97 4.43 1.23
CA SER A 162 -30.59 5.52 0.50
C SER A 162 -30.64 5.23 -0.99
N LEU A 163 -29.74 4.36 -1.44
CA LEU A 163 -29.73 3.88 -2.82
C LEU A 163 -30.57 2.61 -2.94
N GLY A 164 -31.28 2.24 -1.88
CA GLY A 164 -32.13 1.07 -1.90
C GLY A 164 -31.38 -0.25 -1.86
N ALA A 165 -30.14 -0.21 -1.40
CA ALA A 165 -29.31 -1.41 -1.36
C ALA A 165 -29.54 -2.23 -0.09
N LEU A 166 -29.33 -3.53 -0.19
CA LEU A 166 -29.46 -4.40 0.98
C LEU A 166 -28.31 -4.15 1.97
N THR A 167 -28.67 -3.97 3.25
CA THR A 167 -27.72 -3.67 4.30
C THR A 167 -27.72 -4.69 5.45
N ILE A 168 -26.52 -5.02 5.93
CA ILE A 168 -26.30 -5.93 7.04
C ILE A 168 -25.33 -5.32 8.07
N SER A 169 -25.67 -5.41 9.36
CA SER A 169 -24.73 -4.98 10.39
C SER A 169 -24.18 -6.16 11.17
N ILE A 170 -22.89 -6.10 11.49
CA ILE A 170 -22.30 -7.08 12.38
C ILE A 170 -21.68 -6.38 13.58
N ALA A 171 -22.41 -6.37 14.68
CA ALA A 171 -21.97 -5.71 15.90
C ALA A 171 -21.96 -6.67 17.12
N SER A 172 -21.34 -6.21 18.22
CA SER A 172 -21.23 -7.02 19.44
C SER A 172 -22.11 -6.55 20.59
N ASN A 173 -22.61 -5.31 20.50
CA ASN A 173 -23.54 -4.79 21.50
C ASN A 173 -24.93 -4.76 20.90
N PRO A 174 -25.88 -5.44 21.55
CA PRO A 174 -27.26 -5.57 21.04
C PRO A 174 -27.96 -4.22 20.96
N LYS A 175 -28.97 -4.11 20.10
CA LYS A 175 -29.80 -2.91 19.98
C LYS A 175 -29.03 -1.67 19.60
N SER A 176 -27.95 -1.84 18.86
CA SER A 176 -27.09 -0.72 18.46
C SER A 176 -27.75 0.07 17.33
N GLU A 177 -27.14 1.20 16.95
CA GLU A 177 -27.72 2.05 15.92
C GLU A 177 -27.45 1.52 14.53
N MET A 178 -26.31 0.88 14.33
CA MET A 178 -26.05 0.19 13.07
C MET A 178 -27.12 -0.88 12.87
N ALA A 179 -27.51 -1.52 13.97
CA ALA A 179 -28.53 -2.56 13.92
C ALA A 179 -29.86 -1.98 13.47
N GLU A 180 -30.19 -0.78 13.95
CA GLU A 180 -31.45 -0.15 13.59
C GLU A 180 -31.52 0.21 12.09
N ILE A 181 -30.46 0.81 11.55
CA ILE A 181 -30.40 1.15 10.13
C ILE A 181 -30.54 -0.08 9.22
N ALA A 182 -29.73 -1.10 9.44
CA ALA A 182 -29.64 -2.22 8.53
C ALA A 182 -30.90 -3.09 8.33
N ASP A 183 -30.87 -3.93 7.30
CA ASP A 183 -32.02 -4.79 6.99
C ASP A 183 -31.87 -6.13 7.69
N ILE A 184 -30.63 -6.56 7.85
CA ILE A 184 -30.35 -7.76 8.62
C ILE A 184 -29.33 -7.40 9.67
N ALA A 185 -29.71 -7.58 10.93
CA ALA A 185 -28.83 -7.28 12.07
C ALA A 185 -28.24 -8.55 12.63
N ILE A 186 -26.94 -8.75 12.41
CA ILE A 186 -26.22 -9.85 13.04
C ILE A 186 -25.57 -9.34 14.33
N GLU A 187 -25.85 -10.03 15.43
CA GLU A 187 -25.43 -9.54 16.74
C GLU A 187 -24.56 -10.52 17.49
N THR A 188 -23.24 -10.35 17.35
CA THR A 188 -22.27 -11.21 18.01
C THR A 188 -22.05 -10.83 19.50
N ILE A 189 -22.82 -11.42 20.41
CA ILE A 189 -22.61 -11.12 21.84
C ILE A 189 -21.60 -12.07 22.46
N VAL A 190 -20.39 -11.57 22.66
CA VAL A 190 -19.30 -12.40 23.15
C VAL A 190 -18.94 -12.18 24.63
N GLY A 191 -19.56 -11.19 25.28
CA GLY A 191 -19.21 -10.80 26.63
C GLY A 191 -17.94 -9.96 26.65
N PRO A 192 -17.66 -9.31 27.81
CA PRO A 192 -16.46 -8.49 28.04
C PRO A 192 -15.15 -9.15 27.64
N GLU A 193 -14.27 -8.37 27.04
CA GLU A 193 -13.01 -8.92 26.60
C GLU A 193 -12.04 -9.07 27.79
N ILE A 194 -11.08 -9.98 27.64
CA ILE A 194 -10.05 -10.22 28.65
C ILE A 194 -9.34 -8.93 29.04
N LEU A 195 -9.09 -8.10 28.03
CA LEU A 195 -8.56 -6.75 28.20
C LEU A 195 -9.74 -5.82 27.88
N THR A 196 -10.18 -5.05 28.87
CA THR A 196 -11.42 -4.30 28.74
C THR A 196 -11.43 -3.37 27.53
N GLY A 197 -12.24 -3.71 26.55
CA GLY A 197 -12.41 -2.89 25.35
C GLY A 197 -11.58 -3.36 24.16
N SER A 198 -11.00 -4.54 24.26
CA SER A 198 -10.12 -5.08 23.23
C SER A 198 -10.92 -5.89 22.21
N SER A 199 -11.60 -5.21 21.30
CA SER A 199 -12.50 -5.87 20.38
C SER A 199 -11.73 -6.65 19.33
N ARG A 200 -10.41 -6.50 19.34
CA ARG A 200 -9.58 -7.26 18.42
C ARG A 200 -9.62 -8.74 18.80
N LEU A 201 -9.94 -9.03 20.07
CA LEU A 201 -9.89 -10.40 20.60
C LEU A 201 -11.10 -11.28 20.29
N LYS A 202 -12.10 -11.32 21.17
CA LYS A 202 -13.28 -12.12 20.89
C LYS A 202 -14.14 -11.59 19.71
N SER A 203 -14.43 -10.29 19.70
CA SER A 203 -15.32 -9.71 18.71
C SER A 203 -14.75 -9.81 17.29
N GLY A 204 -13.44 -9.66 17.15
CA GLY A 204 -12.80 -9.81 15.86
C GLY A 204 -12.69 -11.27 15.44
N THR A 205 -12.93 -12.20 16.36
CA THR A 205 -12.93 -13.63 16.02
C THR A 205 -14.32 -14.00 15.50
N ALA A 206 -15.34 -13.57 16.22
CA ALA A 206 -16.72 -13.66 15.75
C ALA A 206 -16.87 -13.09 14.32
N GLN A 207 -16.27 -11.92 14.11
CA GLN A 207 -16.36 -11.24 12.83
C GLN A 207 -15.75 -12.06 11.71
N LYS A 208 -14.55 -12.58 11.95
CA LYS A 208 -13.96 -13.49 10.99
C LYS A 208 -14.91 -14.65 10.67
N MET A 209 -15.44 -15.26 11.74
CA MET A 209 -16.28 -16.44 11.63
C MET A 209 -17.52 -16.22 10.75
N VAL A 210 -18.21 -15.11 10.95
CA VAL A 210 -19.37 -14.75 10.13
C VAL A 210 -19.00 -14.51 8.66
N LEU A 211 -18.12 -13.53 8.44
CA LEU A 211 -17.60 -13.24 7.12
C LEU A 211 -17.31 -14.53 6.40
N ASN A 212 -16.48 -15.38 7.00
CA ASN A 212 -16.14 -16.66 6.41
C ASN A 212 -17.38 -17.42 5.96
N MET A 213 -18.38 -17.51 6.85
CA MET A 213 -19.64 -18.20 6.56
C MET A 213 -20.35 -17.54 5.38
N LEU A 214 -20.43 -16.21 5.41
CA LEU A 214 -21.05 -15.42 4.34
C LEU A 214 -20.44 -15.69 2.96
N THR A 215 -19.12 -15.71 2.84
CA THR A 215 -18.55 -15.99 1.52
C THR A 215 -18.51 -17.46 1.18
N THR A 216 -18.28 -18.31 2.15
CA THR A 216 -18.14 -19.74 1.87
C THR A 216 -19.47 -20.36 1.48
N ALA A 217 -20.52 -20.03 2.23
CA ALA A 217 -21.85 -20.56 1.95
C ALA A 217 -22.48 -20.04 0.62
N SER A 218 -22.48 -18.73 0.42
CA SER A 218 -22.94 -18.16 -0.85
C SER A 218 -22.23 -18.78 -2.05
N MET A 219 -20.89 -18.81 -2.01
CA MET A 219 -20.10 -19.44 -3.06
C MET A 219 -20.48 -20.91 -3.32
N ILE A 220 -20.73 -21.68 -2.25
CA ILE A 220 -21.29 -23.02 -2.40
C ILE A 220 -22.61 -22.99 -3.20
N LEU A 221 -23.51 -22.11 -2.82
CA LEU A 221 -24.80 -22.05 -3.48
C LEU A 221 -24.66 -21.73 -4.97
N LEU A 222 -23.60 -21.02 -5.34
CA LEU A 222 -23.38 -20.65 -6.74
C LEU A 222 -22.61 -21.73 -7.48
N GLY A 223 -22.56 -22.92 -6.89
CA GLY A 223 -21.89 -24.05 -7.53
C GLY A 223 -20.41 -23.81 -7.72
N LYS A 224 -19.82 -22.98 -6.86
CA LYS A 224 -18.39 -22.66 -6.93
C LYS A 224 -17.55 -23.75 -6.25
N CYS A 225 -18.14 -24.94 -6.12
CA CYS A 225 -17.43 -26.12 -5.64
C CYS A 225 -18.28 -27.35 -5.93
N TYR A 226 -17.65 -28.52 -5.97
CA TYR A 226 -18.39 -29.77 -6.18
C TYR A 226 -18.21 -30.73 -4.97
N GLU A 227 -19.33 -31.24 -4.46
CA GLU A 227 -19.35 -31.96 -3.18
C GLU A 227 -18.69 -31.08 -2.12
N ASN A 228 -17.63 -31.57 -1.45
CA ASN A 228 -16.80 -30.68 -0.64
C ASN A 228 -15.44 -30.35 -1.25
N LEU A 229 -15.36 -30.39 -2.58
CA LEU A 229 -14.11 -30.14 -3.29
C LEU A 229 -14.03 -28.72 -3.85
N MET A 230 -12.82 -28.20 -3.85
CA MET A 230 -12.56 -26.83 -4.24
C MET A 230 -12.32 -26.79 -5.74
N VAL A 231 -13.27 -27.27 -6.51
CA VAL A 231 -13.04 -27.52 -7.93
C VAL A 231 -12.68 -26.28 -8.76
N ASP A 232 -12.82 -25.09 -8.19
CA ASP A 232 -12.49 -23.87 -8.94
C ASP A 232 -11.23 -23.18 -8.48
N VAL A 233 -10.44 -23.87 -7.66
CA VAL A 233 -9.20 -23.33 -7.15
C VAL A 233 -8.30 -22.79 -8.28
N GLN A 234 -7.73 -21.61 -8.05
CA GLN A 234 -6.60 -21.13 -8.85
C GLN A 234 -5.33 -21.73 -8.25
N ALA A 235 -4.64 -22.55 -9.02
CA ALA A 235 -3.40 -23.18 -8.56
C ALA A 235 -2.22 -22.29 -8.91
N SER A 236 -1.76 -21.55 -7.91
CA SER A 236 -0.72 -20.54 -8.13
C SER A 236 0.55 -20.84 -7.35
N ASN A 237 0.74 -22.11 -7.01
CA ASN A 237 1.94 -22.59 -6.35
C ASN A 237 2.00 -24.12 -6.38
N GLU A 238 3.02 -24.73 -5.80
CA GLU A 238 3.14 -26.18 -5.85
C GLU A 238 1.98 -26.90 -5.15
N LYS A 239 1.60 -26.42 -3.98
CA LYS A 239 0.54 -27.07 -3.19
C LYS A 239 -0.78 -27.18 -3.94
N LEU A 240 -1.21 -26.07 -4.55
CA LEU A 240 -2.49 -26.02 -5.20
C LEU A 240 -2.41 -26.62 -6.60
N LYS A 241 -1.21 -26.64 -7.16
CA LYS A 241 -1.01 -27.29 -8.46
C LYS A 241 -1.19 -28.79 -8.29
N ALA A 242 -0.91 -29.26 -7.08
CA ALA A 242 -1.04 -30.68 -6.73
C ALA A 242 -2.45 -31.00 -6.31
N ARG A 243 -3.02 -30.11 -5.50
CA ARG A 243 -4.39 -30.28 -5.03
C ARG A 243 -5.34 -30.31 -6.21
N ALA A 244 -4.98 -29.60 -7.28
CA ALA A 244 -5.71 -29.61 -8.55
C ALA A 244 -5.96 -31.02 -9.05
N VAL A 245 -4.88 -31.71 -9.39
CA VAL A 245 -4.93 -33.10 -9.82
C VAL A 245 -5.56 -33.99 -8.75
N ARG A 246 -5.30 -33.67 -7.48
CA ARG A 246 -5.92 -34.44 -6.41
C ARG A 246 -7.44 -34.34 -6.47
N ILE A 247 -7.95 -33.16 -6.82
CA ILE A 247 -9.37 -32.87 -6.84
C ILE A 247 -10.07 -33.54 -8.01
N VAL A 248 -9.42 -33.59 -9.16
CA VAL A 248 -9.99 -34.29 -10.30
C VAL A 248 -10.16 -35.79 -10.02
N MET A 249 -9.17 -36.36 -9.33
CA MET A 249 -9.22 -37.77 -8.95
C MET A 249 -10.31 -38.02 -7.90
N GLN A 250 -10.44 -37.12 -6.94
CA GLN A 250 -11.43 -37.29 -5.88
C GLN A 250 -12.87 -37.32 -6.42
N ALA A 251 -13.19 -36.45 -7.38
CA ALA A 251 -14.52 -36.40 -7.96
C ALA A 251 -14.79 -37.64 -8.81
N THR A 252 -13.91 -37.85 -9.79
CA THR A 252 -14.01 -39.00 -10.67
C THR A 252 -12.93 -39.96 -10.24
N ASP A 253 -13.31 -41.13 -9.74
CA ASP A 253 -12.33 -42.08 -9.20
C ASP A 253 -11.27 -42.49 -10.22
N CYS A 254 -10.61 -41.47 -10.79
CA CYS A 254 -9.82 -41.67 -11.97
C CYS A 254 -8.36 -41.94 -11.72
N ASN A 255 -7.98 -43.11 -12.19
CA ASN A 255 -6.70 -43.30 -12.83
C ASN A 255 -6.50 -42.01 -13.62
N LYS A 256 -5.44 -41.22 -13.37
CA LYS A 256 -4.40 -41.33 -12.36
C LYS A 256 -3.57 -40.15 -12.78
N THR A 257 -3.33 -40.15 -14.09
CA THR A 257 -2.68 -39.08 -14.80
C THR A 257 -3.61 -38.66 -15.94
N LEU A 258 -4.68 -39.42 -16.16
CA LEU A 258 -5.79 -38.91 -16.93
C LEU A 258 -6.27 -37.67 -16.20
N ALA A 259 -6.23 -37.74 -14.87
CA ALA A 259 -6.39 -36.56 -14.05
C ALA A 259 -5.49 -35.41 -14.50
N GLU A 260 -4.22 -35.70 -14.77
CA GLU A 260 -3.30 -34.69 -15.30
C GLU A 260 -3.63 -34.34 -16.75
N GLN A 261 -3.88 -35.38 -17.54
CA GLN A 261 -4.02 -35.24 -19.00
C GLN A 261 -5.28 -34.52 -19.42
N THR A 262 -6.21 -34.31 -18.48
CA THR A 262 -7.40 -33.56 -18.81
C THR A 262 -7.25 -32.13 -18.33
N LEU A 263 -6.52 -31.96 -17.22
CA LEU A 263 -6.23 -30.63 -16.68
C LEU A 263 -5.64 -29.67 -17.71
N LEU A 264 -4.50 -30.00 -18.31
CA LEU A 264 -4.11 -29.24 -19.49
C LEU A 264 -4.55 -29.96 -20.76
N GLU A 265 -5.87 -30.14 -20.85
CA GLU A 265 -6.54 -30.38 -22.11
C GLU A 265 -7.66 -29.38 -22.03
N ALA A 266 -7.31 -28.26 -21.41
CA ALA A 266 -8.18 -27.13 -21.18
C ALA A 266 -7.19 -26.16 -20.58
N ASP A 267 -7.45 -25.79 -19.34
CA ASP A 267 -6.44 -25.18 -18.49
C ASP A 267 -6.68 -25.86 -17.17
N GLN A 268 -5.74 -25.76 -16.22
CA GLN A 268 -6.04 -26.14 -14.84
C GLN A 268 -7.41 -25.56 -14.50
N ASN A 269 -8.44 -26.35 -14.78
CA ASN A 269 -9.79 -26.07 -14.33
C ASN A 269 -10.37 -27.41 -13.99
N ALA A 270 -10.27 -27.76 -12.72
CA ALA A 270 -10.78 -29.01 -12.21
C ALA A 270 -12.25 -29.20 -12.58
N LYS A 271 -13.04 -28.13 -12.46
CA LYS A 271 -14.46 -28.20 -12.78
C LYS A 271 -14.68 -28.65 -14.23
N LEU A 272 -14.01 -27.99 -15.16
CA LEU A 272 -14.11 -28.34 -16.58
C LEU A 272 -13.58 -29.74 -16.77
N ALA A 273 -12.40 -29.99 -16.21
CA ALA A 273 -11.71 -31.27 -16.33
C ALA A 273 -12.58 -32.45 -15.90
N ILE A 274 -13.16 -32.39 -14.71
CA ILE A 274 -14.04 -33.48 -14.29
C ILE A 274 -15.32 -33.54 -15.13
N MET A 275 -15.81 -32.38 -15.57
CA MET A 275 -16.97 -32.34 -16.47
C MET A 275 -16.72 -33.12 -17.77
N MET A 276 -15.55 -32.93 -18.39
CA MET A 276 -15.23 -33.66 -19.62
C MET A 276 -14.66 -35.05 -19.34
N ILE A 277 -14.46 -35.37 -18.08
CA ILE A 277 -14.08 -36.71 -17.69
C ILE A 277 -15.33 -37.55 -17.40
N LEU A 278 -16.21 -37.02 -16.56
CA LEU A 278 -17.42 -37.77 -16.20
C LEU A 278 -18.42 -37.85 -17.35
N SER A 279 -18.78 -36.70 -17.91
CA SER A 279 -19.71 -36.66 -19.04
C SER A 279 -19.09 -37.15 -20.36
N THR A 280 -17.82 -37.55 -20.33
CA THR A 280 -17.11 -38.06 -21.50
C THR A 280 -17.29 -37.19 -22.77
N LEU A 281 -17.36 -35.87 -22.57
CA LEU A 281 -17.53 -34.93 -23.66
C LEU A 281 -16.20 -34.33 -24.11
N SER A 282 -16.19 -33.75 -25.30
CA SER A 282 -15.04 -32.97 -25.74
C SER A 282 -14.93 -31.72 -24.87
N LYS A 283 -13.72 -31.17 -24.78
CA LYS A 283 -13.44 -29.98 -23.96
C LYS A 283 -14.37 -28.82 -24.25
N SER A 284 -14.70 -28.61 -25.51
CA SER A 284 -15.57 -27.49 -25.90
C SER A 284 -17.01 -27.79 -25.57
N GLU A 285 -17.40 -29.06 -25.68
CA GLU A 285 -18.76 -29.49 -25.41
C GLU A 285 -19.03 -29.56 -23.91
N ALA A 286 -18.03 -30.02 -23.18
CA ALA A 286 -18.10 -30.00 -21.72
C ALA A 286 -18.28 -28.57 -21.22
N LYS A 287 -17.56 -27.63 -21.83
CA LYS A 287 -17.66 -26.22 -21.46
C LYS A 287 -19.08 -25.68 -21.60
N VAL A 288 -19.59 -25.74 -22.83
CA VAL A 288 -20.88 -25.14 -23.14
C VAL A 288 -22.04 -25.76 -22.34
N LEU A 289 -21.89 -27.03 -21.94
CA LEU A 289 -22.79 -27.65 -20.97
C LEU A 289 -22.82 -26.78 -19.72
N LEU A 290 -21.63 -26.54 -19.18
CA LEU A 290 -21.44 -25.74 -17.97
C LEU A 290 -21.93 -24.30 -18.07
N GLU A 291 -21.77 -23.69 -19.25
CA GLU A 291 -22.19 -22.30 -19.48
C GLU A 291 -23.70 -22.14 -19.33
N ARG A 292 -24.44 -23.05 -19.95
CA ARG A 292 -25.89 -23.05 -19.82
C ARG A 292 -26.36 -23.19 -18.38
N HIS A 293 -25.51 -23.74 -17.51
CA HIS A 293 -25.89 -23.98 -16.11
C HIS A 293 -25.14 -23.11 -15.09
N GLN A 294 -24.62 -21.98 -15.56
CA GLN A 294 -24.01 -20.98 -14.68
C GLN A 294 -22.84 -21.51 -13.87
N GLY A 295 -22.22 -22.58 -14.38
CA GLY A 295 -21.08 -23.21 -13.73
C GLY A 295 -21.41 -24.19 -12.62
N LYS A 296 -22.66 -24.58 -12.49
CA LYS A 296 -23.00 -25.53 -11.45
C LYS A 296 -22.77 -26.92 -11.99
N LEU A 297 -21.68 -27.54 -11.53
CA LEU A 297 -21.32 -28.85 -12.04
C LEU A 297 -22.43 -29.90 -11.80
N ARG A 298 -23.11 -29.83 -10.65
CA ARG A 298 -24.18 -30.79 -10.34
C ARG A 298 -25.36 -30.75 -11.32
N ASN A 299 -25.79 -29.54 -11.66
CA ASN A 299 -26.81 -29.30 -12.70
C ASN A 299 -26.39 -29.71 -14.12
N ALA A 300 -25.19 -29.32 -14.53
CA ALA A 300 -24.71 -29.62 -15.88
C ALA A 300 -24.44 -31.11 -16.02
N LEU A 301 -24.00 -31.73 -14.93
CA LEU A 301 -23.78 -33.17 -14.94
C LEU A 301 -25.12 -33.87 -14.98
N SER A 302 -26.19 -33.09 -14.81
CA SER A 302 -27.56 -33.57 -14.84
C SER A 302 -27.84 -34.53 -13.68
N LYS A 303 -29.09 -34.54 -13.22
CA LYS A 303 -29.57 -35.55 -12.26
C LYS A 303 -28.86 -35.52 -10.90
N LEU B 9 11.33 -4.07 -36.31
CA LEU B 9 11.13 -3.90 -34.87
C LEU B 9 11.15 -2.40 -34.51
N SER B 10 12.33 -1.78 -34.60
CA SER B 10 12.58 -0.41 -34.12
C SER B 10 14.05 0.04 -34.32
N THR B 11 14.39 1.13 -35.03
CA THR B 11 13.56 2.19 -35.68
C THR B 11 12.88 3.27 -34.81
N LEU B 12 12.99 3.16 -33.47
CA LEU B 12 12.41 4.13 -32.53
C LEU B 12 13.46 5.06 -31.90
N ILE B 13 13.11 6.34 -31.76
CA ILE B 13 14.02 7.32 -31.15
C ILE B 13 14.31 6.95 -29.69
N THR B 14 13.28 6.56 -28.96
CA THR B 14 13.45 6.12 -27.57
C THR B 14 14.43 4.94 -27.44
N GLU B 15 14.63 4.20 -28.54
CA GLU B 15 15.57 3.08 -28.54
C GLU B 15 16.89 3.40 -29.25
N GLN B 16 17.10 4.66 -29.62
CA GLN B 16 18.33 5.03 -30.33
C GLN B 16 19.49 5.34 -29.39
N ARG B 17 20.71 5.05 -29.86
CA ARG B 17 21.88 5.41 -29.09
C ARG B 17 22.18 6.89 -29.29
N ASN B 18 22.63 7.54 -28.24
CA ASN B 18 22.99 8.95 -28.30
C ASN B 18 24.47 9.04 -28.61
N PRO B 19 24.81 9.70 -29.73
CA PRO B 19 26.19 9.83 -30.21
C PRO B 19 27.14 10.51 -29.21
N ASN B 20 26.58 11.25 -28.26
CA ASN B 20 27.37 11.97 -27.27
C ASN B 20 27.70 11.17 -26.02
N SER B 21 27.11 9.99 -25.87
CA SER B 21 27.39 9.20 -24.66
C SER B 21 27.97 7.81 -24.96
N VAL B 22 28.61 7.63 -26.12
CA VAL B 22 29.14 6.31 -26.46
C VAL B 22 30.40 5.96 -25.70
N ASP B 23 30.90 6.91 -24.92
CA ASP B 23 32.07 6.65 -24.10
C ASP B 23 31.81 7.07 -22.67
N ILE B 24 30.53 7.19 -22.35
CA ILE B 24 30.08 7.83 -21.12
C ILE B 24 30.62 7.12 -19.88
N ASP B 25 30.91 5.83 -20.03
CA ASP B 25 31.37 5.00 -18.92
C ASP B 25 32.90 5.09 -18.75
N ARG B 26 33.54 5.96 -19.52
CA ARG B 26 34.96 6.20 -19.35
C ARG B 26 35.29 7.66 -19.00
N GLN B 27 34.25 8.43 -18.70
CA GLN B 27 34.33 9.85 -18.41
C GLN B 27 34.41 10.12 -16.91
N SER B 28 34.79 11.34 -16.54
CA SER B 28 34.76 11.75 -15.15
C SER B 28 33.33 11.91 -14.64
N THR B 29 33.16 11.84 -13.33
CA THR B 29 31.87 12.08 -12.70
C THR B 29 31.25 13.40 -13.19
N LEU B 30 32.05 14.45 -13.19
CA LEU B 30 31.60 15.79 -13.58
C LEU B 30 31.19 15.87 -15.03
N GLU B 31 31.87 15.14 -15.90
CA GLU B 31 31.58 15.18 -17.32
C GLU B 31 30.22 14.52 -17.58
N ILE B 32 30.04 13.35 -16.97
CA ILE B 32 28.80 12.59 -16.98
C ILE B 32 27.57 13.43 -16.64
N VAL B 33 27.51 14.00 -15.44
CA VAL B 33 26.34 14.79 -15.05
C VAL B 33 26.18 16.03 -15.94
N ARG B 34 27.25 16.44 -16.60
CA ARG B 34 27.20 17.56 -17.52
C ARG B 34 26.50 17.19 -18.84
N LEU B 35 26.83 16.01 -19.36
CA LEU B 35 26.15 15.42 -20.50
C LEU B 35 24.66 15.20 -20.22
N MET B 36 24.34 14.64 -19.07
CA MET B 36 22.96 14.54 -18.63
C MET B 36 22.26 15.90 -18.61
N ASN B 37 22.94 16.93 -18.11
CA ASN B 37 22.33 18.24 -17.95
C ASN B 37 22.19 18.92 -19.30
N GLU B 38 23.11 18.62 -20.20
CA GLU B 38 23.05 19.13 -21.58
C GLU B 38 21.78 18.66 -22.30
N GLU B 39 21.46 17.37 -22.14
CA GLU B 39 20.25 16.78 -22.72
C GLU B 39 18.96 17.28 -22.03
N ASP B 40 19.05 17.62 -20.76
CA ASP B 40 17.89 18.13 -20.01
C ASP B 40 17.56 19.51 -20.51
N LYS B 41 18.49 20.14 -21.21
CA LYS B 41 18.20 21.48 -21.73
C LYS B 41 17.21 21.32 -22.88
N LEU B 42 17.32 20.21 -23.61
CA LEU B 42 16.50 19.97 -24.79
C LEU B 42 15.04 19.70 -24.47
N VAL B 43 14.76 19.18 -23.27
CA VAL B 43 13.41 18.74 -22.96
C VAL B 43 12.36 19.84 -23.02
N PRO B 44 12.55 20.95 -22.31
CA PRO B 44 11.50 21.97 -22.44
C PRO B 44 11.40 22.59 -23.85
N LEU B 45 12.44 22.49 -24.66
CA LEU B 45 12.35 23.01 -26.00
C LEU B 45 11.71 21.96 -26.89
N ALA B 46 11.50 20.77 -26.37
CA ALA B 46 10.72 19.79 -27.12
C ALA B 46 9.22 19.92 -26.83
N ILE B 47 8.90 20.37 -25.62
CA ILE B 47 7.51 20.56 -25.19
C ILE B 47 6.86 21.70 -25.97
N GLU B 48 7.70 22.64 -26.40
CA GLU B 48 7.18 23.87 -27.01
C GLU B 48 6.28 23.58 -28.22
N SER B 49 6.75 22.72 -29.13
CA SER B 49 5.95 22.30 -30.28
C SER B 49 4.66 21.54 -29.92
N CYS B 50 4.51 21.18 -28.64
CA CYS B 50 3.36 20.42 -28.18
C CYS B 50 2.23 21.30 -27.65
N LEU B 51 2.55 22.55 -27.32
CA LEU B 51 1.58 23.46 -26.69
C LEU B 51 0.21 23.62 -27.40
N PRO B 52 0.18 23.61 -28.75
CA PRO B 52 -1.18 23.62 -29.34
C PRO B 52 -2.00 22.36 -28.98
N GLN B 53 -1.39 21.19 -28.98
CA GLN B 53 -2.09 20.00 -28.52
C GLN B 53 -2.39 20.04 -27.03
N ILE B 54 -1.51 20.65 -26.25
CA ILE B 54 -1.71 20.69 -24.81
C ILE B 54 -2.80 21.70 -24.45
N SER B 55 -2.83 22.80 -25.17
CA SER B 55 -3.90 23.77 -25.05
C SER B 55 -5.25 23.08 -25.26
N LEU B 56 -5.37 22.37 -26.36
CA LEU B 56 -6.61 21.66 -26.68
C LEU B 56 -6.93 20.64 -25.60
N ALA B 57 -5.95 19.83 -25.22
CA ALA B 57 -6.12 18.85 -24.14
C ALA B 57 -6.66 19.49 -22.88
N VAL B 58 -6.05 20.59 -22.44
CA VAL B 58 -6.50 21.28 -21.24
C VAL B 58 -7.91 21.80 -21.36
N GLU B 59 -8.23 22.36 -22.52
CA GLU B 59 -9.53 22.95 -22.74
C GLU B 59 -10.64 21.92 -22.56
N GLN B 60 -10.36 20.68 -22.97
CA GLN B 60 -11.34 19.59 -22.92
C GLN B 60 -11.41 18.89 -21.57
N ILE B 61 -10.32 18.94 -20.81
CA ILE B 61 -10.33 18.44 -19.47
C ILE B 61 -11.22 19.37 -18.65
N VAL B 62 -11.14 20.67 -18.93
CA VAL B 62 -11.99 21.65 -18.24
C VAL B 62 -13.46 21.44 -18.55
N GLN B 63 -13.76 21.04 -19.78
CA GLN B 63 -15.14 20.72 -20.12
C GLN B 63 -15.63 19.51 -19.32
N ALA B 64 -14.96 18.38 -19.50
CA ALA B 64 -15.19 17.18 -18.70
C ALA B 64 -15.30 17.41 -17.18
N PHE B 65 -14.50 18.33 -16.62
CA PHE B 65 -14.57 18.62 -15.19
C PHE B 65 -15.88 19.28 -14.84
N GLN B 66 -16.25 20.27 -15.64
CA GLN B 66 -17.47 21.01 -15.39
C GLN B 66 -18.66 20.07 -15.26
N GLN B 67 -18.70 19.04 -16.10
CA GLN B 67 -19.79 18.09 -16.11
C GLN B 67 -19.58 16.91 -15.14
N GLY B 68 -18.61 17.06 -14.25
CA GLY B 68 -18.40 16.10 -13.19
C GLY B 68 -17.56 14.89 -13.56
N GLY B 69 -16.94 14.93 -14.73
CA GLY B 69 -16.05 13.87 -15.16
C GLY B 69 -14.69 13.95 -14.49
N ARG B 70 -13.85 12.94 -14.75
CA ARG B 70 -12.56 12.80 -14.09
C ARG B 70 -11.40 12.79 -15.09
N LEU B 71 -10.21 13.13 -14.61
CA LEU B 71 -8.97 13.00 -15.39
C LEU B 71 -8.27 11.72 -14.95
N ILE B 72 -8.14 10.77 -15.88
CA ILE B 72 -7.55 9.47 -15.55
C ILE B 72 -6.26 9.23 -16.35
N TYR B 73 -5.18 8.91 -15.62
CA TYR B 73 -3.85 8.60 -16.19
C TYR B 73 -3.61 7.10 -16.19
N ILE B 74 -3.11 6.56 -17.29
CA ILE B 74 -2.63 5.17 -17.27
C ILE B 74 -1.23 5.07 -17.86
N GLY B 75 -0.43 4.16 -17.31
CA GLY B 75 0.91 3.91 -17.81
C GLY B 75 1.61 2.86 -16.97
N ALA B 76 2.73 2.35 -17.50
CA ALA B 76 3.51 1.37 -16.76
C ALA B 76 4.71 2.06 -16.15
N GLY B 77 5.43 1.31 -15.31
CA GLY B 77 6.67 1.76 -14.68
C GLY B 77 6.70 3.21 -14.29
N THR B 78 7.69 3.90 -14.85
CA THR B 78 7.92 5.32 -14.62
C THR B 78 6.69 6.16 -14.95
N SER B 79 6.16 5.96 -16.16
CA SER B 79 4.99 6.70 -16.65
C SER B 79 3.77 6.51 -15.76
N GLY B 80 3.51 5.28 -15.37
CA GLY B 80 2.47 4.99 -14.40
C GLY B 80 2.68 5.74 -13.10
N ARG B 81 3.93 5.75 -12.64
CA ARG B 81 4.31 6.45 -11.42
C ARG B 81 4.22 7.98 -11.55
N LEU B 82 4.53 8.53 -12.72
CA LEU B 82 4.38 9.97 -12.89
C LEU B 82 2.90 10.40 -12.85
N GLY B 83 2.02 9.54 -13.36
CA GLY B 83 0.60 9.81 -13.32
C GLY B 83 0.06 9.86 -11.90
N VAL B 84 0.26 8.74 -11.19
CA VAL B 84 -0.05 8.66 -9.77
C VAL B 84 0.44 9.90 -9.04
N LEU B 85 1.69 10.27 -9.32
CA LEU B 85 2.34 11.43 -8.71
C LEU B 85 1.60 12.76 -8.98
N ASP B 86 1.42 13.13 -10.25
CA ASP B 86 0.74 14.40 -10.54
C ASP B 86 -0.69 14.42 -9.98
N ALA B 87 -1.39 13.28 -10.04
CA ALA B 87 -2.72 13.13 -9.42
C ALA B 87 -2.71 13.43 -7.91
N SER B 88 -1.64 12.99 -7.25
CA SER B 88 -1.52 13.04 -5.79
C SER B 88 -1.60 14.42 -5.18
N GLU B 89 -1.17 15.44 -5.92
CA GLU B 89 -1.01 16.79 -5.38
C GLU B 89 -2.16 17.72 -5.73
N CYS B 90 -3.18 17.18 -6.38
CA CYS B 90 -4.32 18.01 -6.76
C CYS B 90 -5.25 18.37 -5.60
N PRO B 91 -5.65 17.37 -4.78
CA PRO B 91 -6.45 17.81 -3.64
C PRO B 91 -5.74 18.85 -2.76
N PRO B 92 -4.50 18.59 -2.28
CA PRO B 92 -3.88 19.57 -1.37
C PRO B 92 -3.67 20.97 -1.94
N THR B 93 -3.59 21.10 -3.26
CA THR B 93 -3.39 22.41 -3.92
C THR B 93 -4.68 23.12 -4.34
N PHE B 94 -5.62 22.43 -4.96
CA PHE B 94 -6.83 23.09 -5.46
C PHE B 94 -8.09 22.71 -4.66
N GLY B 95 -7.88 22.01 -3.55
CA GLY B 95 -8.98 21.62 -2.66
C GLY B 95 -9.99 20.63 -3.20
N VAL B 96 -9.67 20.03 -4.35
CA VAL B 96 -10.56 19.12 -5.05
C VAL B 96 -10.59 17.72 -4.42
N SER B 97 -11.47 16.89 -4.94
CA SER B 97 -11.57 15.52 -4.46
C SER B 97 -10.45 14.65 -5.01
N THR B 98 -10.03 13.66 -4.22
CA THR B 98 -9.01 12.71 -4.67
C THR B 98 -9.50 11.89 -5.85
N GLU B 99 -10.79 12.03 -6.18
CA GLU B 99 -11.40 11.30 -7.28
C GLU B 99 -11.36 12.07 -8.60
N MET B 100 -11.19 13.39 -8.52
CA MET B 100 -11.16 14.21 -9.72
C MET B 100 -10.03 13.77 -10.62
N VAL B 101 -8.80 13.82 -10.13
CA VAL B 101 -7.67 13.29 -10.89
C VAL B 101 -7.17 11.98 -10.26
N LYS B 102 -7.10 10.93 -11.06
CA LYS B 102 -6.64 9.63 -10.56
C LYS B 102 -5.54 9.11 -11.46
N GLY B 103 -4.43 8.67 -10.86
CA GLY B 103 -3.41 7.93 -11.60
C GLY B 103 -3.52 6.42 -11.41
N ILE B 104 -3.70 5.69 -12.51
CA ILE B 104 -3.68 4.23 -12.45
C ILE B 104 -2.43 3.66 -13.12
N ILE B 105 -1.72 2.81 -12.38
CA ILE B 105 -0.46 2.21 -12.85
C ILE B 105 -0.59 0.70 -13.01
N ALA B 106 -0.10 0.17 -14.14
CA ALA B 106 -0.11 -1.28 -14.38
C ALA B 106 0.63 -2.09 -13.31
N GLY B 107 0.06 -3.24 -12.96
CA GLY B 107 0.62 -4.06 -11.90
C GLY B 107 -0.08 -3.86 -10.56
N GLY B 108 -0.73 -2.71 -10.39
CA GLY B 108 -1.50 -2.44 -9.20
C GLY B 108 -0.81 -1.44 -8.31
N GLU B 109 -1.11 -1.50 -7.02
CA GLU B 109 -0.42 -0.70 -6.02
C GLU B 109 0.95 -1.31 -5.80
N CYS B 110 1.08 -2.56 -6.21
CA CYS B 110 2.31 -3.33 -6.07
C CYS B 110 3.29 -2.97 -7.18
N ALA B 111 3.15 -1.77 -7.75
CA ALA B 111 4.05 -1.34 -8.81
C ALA B 111 4.54 0.09 -8.57
N ILE B 112 4.00 0.71 -7.54
CA ILE B 112 4.39 2.07 -7.20
C ILE B 112 5.80 2.19 -6.57
N ARG B 113 6.24 1.15 -5.86
CA ARG B 113 7.61 1.14 -5.30
C ARG B 113 8.63 0.28 -6.05
N HIS B 114 8.16 -0.70 -6.82
CA HIS B 114 9.04 -1.58 -7.58
C HIS B 114 8.31 -2.10 -8.83
N PRO B 115 9.06 -2.65 -9.81
CA PRO B 115 8.39 -3.15 -11.01
C PRO B 115 7.56 -4.41 -10.74
N VAL B 116 6.75 -4.79 -11.74
CA VAL B 116 6.02 -6.05 -11.75
C VAL B 116 6.20 -6.64 -13.12
N GLU B 117 6.78 -7.83 -13.19
CA GLU B 117 7.14 -8.43 -14.47
C GLU B 117 5.94 -8.58 -15.39
N GLY B 118 6.12 -8.20 -16.65
CA GLY B 118 5.09 -8.36 -17.67
C GLY B 118 3.92 -7.39 -17.57
N ALA B 119 3.81 -6.71 -16.42
CA ALA B 119 2.68 -5.83 -16.15
C ALA B 119 2.29 -4.84 -17.27
N GLU B 120 3.26 -4.44 -18.09
CA GLU B 120 3.01 -3.51 -19.21
C GLU B 120 2.62 -4.24 -20.49
N ASP B 121 2.47 -5.55 -20.39
CA ASP B 121 2.08 -6.35 -21.53
C ASP B 121 0.64 -6.84 -21.44
N ASN B 122 0.07 -6.78 -20.22
CA ASN B 122 -1.22 -7.42 -19.91
C ASN B 122 -2.44 -6.58 -20.23
N THR B 123 -3.00 -6.81 -21.42
CA THR B 123 -4.12 -6.04 -21.93
C THR B 123 -5.42 -6.47 -21.27
N LYS B 124 -5.40 -7.63 -20.63
CA LYS B 124 -6.55 -8.07 -19.87
C LYS B 124 -6.70 -7.11 -18.69
N ALA B 125 -5.62 -6.90 -17.96
CA ALA B 125 -5.68 -6.15 -16.71
C ALA B 125 -6.14 -4.69 -16.87
N VAL B 126 -5.84 -4.07 -18.01
CA VAL B 126 -6.23 -2.66 -18.23
C VAL B 126 -7.74 -2.48 -18.21
N LEU B 127 -8.45 -3.42 -18.84
CA LEU B 127 -9.90 -3.44 -18.81
C LEU B 127 -10.39 -3.65 -17.38
N ASN B 128 -9.81 -4.63 -16.68
CA ASN B 128 -10.17 -4.82 -15.27
C ASN B 128 -9.88 -3.56 -14.47
N ASP B 129 -8.75 -2.91 -14.76
CA ASP B 129 -8.34 -1.73 -14.02
C ASP B 129 -9.27 -0.56 -14.28
N LEU B 130 -9.52 -0.25 -15.56
CA LEU B 130 -10.34 0.90 -15.92
C LEU B 130 -11.79 0.71 -15.47
N GLN B 131 -12.27 -0.53 -15.55
CA GLN B 131 -13.61 -0.86 -15.11
C GLN B 131 -13.67 -0.91 -13.57
N SER B 132 -12.56 -1.29 -12.93
CA SER B 132 -12.46 -1.23 -11.49
C SER B 132 -12.77 0.16 -10.90
N ILE B 133 -12.56 1.22 -11.70
CA ILE B 133 -12.90 2.59 -11.31
C ILE B 133 -14.09 3.16 -12.08
N HIS B 134 -14.91 2.28 -12.65
CA HIS B 134 -16.08 2.66 -13.43
C HIS B 134 -15.74 3.73 -14.46
N PHE B 135 -14.86 3.40 -15.39
CA PHE B 135 -14.46 4.38 -16.39
C PHE B 135 -15.64 4.76 -17.26
N SER B 136 -15.86 6.06 -17.40
CA SER B 136 -17.05 6.56 -18.06
C SER B 136 -16.68 7.38 -19.30
N LYS B 137 -17.70 7.67 -20.10
CA LYS B 137 -17.54 8.48 -21.29
C LYS B 137 -17.30 9.93 -20.87
N ASN B 138 -17.70 10.24 -19.63
CA ASN B 138 -17.56 11.59 -19.09
C ASN B 138 -16.16 11.84 -18.60
N ASP B 139 -15.37 10.78 -18.57
CA ASP B 139 -13.99 10.88 -18.15
C ASP B 139 -13.06 11.13 -19.33
N VAL B 140 -11.88 11.68 -19.03
CA VAL B 140 -10.79 11.78 -19.99
C VAL B 140 -9.68 10.79 -19.63
N LEU B 141 -9.24 10.02 -20.62
CA LEU B 141 -8.10 9.13 -20.41
C LEU B 141 -6.86 9.62 -21.14
N VAL B 142 -5.84 10.00 -20.37
CA VAL B 142 -4.51 10.25 -20.92
C VAL B 142 -3.65 9.00 -20.72
N GLY B 143 -3.25 8.38 -21.82
CA GLY B 143 -2.37 7.22 -21.77
C GLY B 143 -0.90 7.59 -21.97
N ILE B 144 -0.05 7.19 -21.03
CA ILE B 144 1.33 7.63 -21.01
C ILE B 144 2.35 6.53 -21.27
N ALA B 145 3.11 6.65 -22.35
CA ALA B 145 4.18 5.71 -22.68
C ALA B 145 5.19 6.32 -23.69
N ALA B 146 6.46 6.42 -23.26
CA ALA B 146 7.52 6.99 -24.08
C ALA B 146 7.65 6.34 -25.46
N SER B 147 7.65 5.01 -25.48
CA SER B 147 7.75 4.27 -26.73
C SER B 147 6.51 4.47 -27.63
N GLY B 148 5.36 4.74 -27.02
CA GLY B 148 4.13 4.96 -27.77
C GLY B 148 3.50 3.67 -28.29
N ARG B 149 3.87 2.54 -27.70
CA ARG B 149 3.35 1.23 -28.11
C ARG B 149 3.16 0.19 -26.99
N THR B 150 3.23 0.61 -25.73
CA THR B 150 2.96 -0.31 -24.61
C THR B 150 1.50 -0.85 -24.62
N PRO B 151 1.33 -2.18 -24.83
CA PRO B 151 0.01 -2.79 -25.03
C PRO B 151 -1.01 -2.35 -23.98
N TYR B 152 -0.64 -2.48 -22.71
CA TYR B 152 -1.53 -2.12 -21.60
C TYR B 152 -2.10 -0.70 -21.76
N VAL B 153 -1.33 0.18 -22.37
CA VAL B 153 -1.78 1.55 -22.60
C VAL B 153 -2.60 1.63 -23.87
N ILE B 154 -2.17 0.89 -24.90
CA ILE B 154 -2.82 0.90 -26.20
C ILE B 154 -4.24 0.36 -26.10
N ALA B 155 -4.36 -0.84 -25.53
CA ALA B 155 -5.64 -1.44 -25.17
C ALA B 155 -6.45 -0.51 -24.29
N GLY B 156 -5.75 0.23 -23.42
CA GLY B 156 -6.42 1.12 -22.50
C GLY B 156 -7.12 2.23 -23.22
N LEU B 157 -6.47 2.74 -24.25
CA LEU B 157 -7.05 3.75 -25.14
C LEU B 157 -8.07 3.12 -26.10
N GLN B 158 -7.83 1.89 -26.51
CA GLN B 158 -8.78 1.16 -27.34
C GLN B 158 -10.12 1.06 -26.61
N TYR B 159 -10.05 0.79 -25.32
CA TYR B 159 -11.23 0.67 -24.48
C TYR B 159 -11.93 2.02 -24.26
N ALA B 160 -11.18 3.04 -23.87
CA ALA B 160 -11.80 4.36 -23.65
C ALA B 160 -12.42 4.95 -24.92
N LYS B 161 -11.83 4.65 -26.07
CA LYS B 161 -12.34 5.09 -27.37
C LYS B 161 -13.71 4.47 -27.63
N SER B 162 -13.82 3.17 -27.40
CA SER B 162 -15.02 2.40 -27.71
C SER B 162 -16.25 2.84 -26.92
N LEU B 163 -16.04 3.59 -25.84
CA LEU B 163 -17.14 4.14 -25.08
C LEU B 163 -17.42 5.54 -25.57
N GLY B 164 -16.52 6.05 -26.41
CA GLY B 164 -16.65 7.41 -26.91
C GLY B 164 -16.15 8.43 -25.92
N ALA B 165 -15.18 8.04 -25.09
CA ALA B 165 -14.49 8.97 -24.20
C ALA B 165 -13.30 9.60 -24.94
N LEU B 166 -13.04 10.87 -24.65
CA LEU B 166 -11.86 11.55 -25.19
C LEU B 166 -10.56 10.82 -24.83
N THR B 167 -9.70 10.61 -25.81
CA THR B 167 -8.42 9.93 -25.57
C THR B 167 -7.25 10.85 -25.90
N ILE B 168 -6.37 11.04 -24.92
CA ILE B 168 -5.16 11.81 -25.11
C ILE B 168 -3.97 10.89 -25.00
N SER B 169 -3.04 10.96 -25.95
CA SER B 169 -1.82 10.17 -25.80
C SER B 169 -0.60 11.07 -25.61
N ILE B 170 0.32 10.62 -24.75
CA ILE B 170 1.61 11.27 -24.55
C ILE B 170 2.72 10.27 -24.85
N ALA B 171 3.51 10.56 -25.88
CA ALA B 171 4.59 9.67 -26.27
C ALA B 171 5.80 10.41 -26.82
N SER B 172 6.87 9.66 -27.09
CA SER B 172 8.15 10.24 -27.45
C SER B 172 8.68 9.79 -28.80
N ASN B 173 7.94 8.92 -29.49
CA ASN B 173 8.21 8.61 -30.90
C ASN B 173 7.03 9.06 -31.78
N PRO B 174 7.34 9.54 -33.00
CA PRO B 174 6.26 10.07 -33.84
C PRO B 174 5.43 8.96 -34.50
N LYS B 175 4.23 9.33 -34.96
CA LYS B 175 3.31 8.44 -35.67
C LYS B 175 3.15 7.05 -35.06
N SER B 176 2.72 7.00 -33.81
CA SER B 176 2.67 5.76 -33.03
C SER B 176 1.27 5.17 -32.93
N GLU B 177 1.20 3.89 -32.57
CA GLU B 177 -0.07 3.20 -32.50
C GLU B 177 -0.99 3.93 -31.52
N MET B 178 -0.44 4.30 -30.38
CA MET B 178 -1.17 5.10 -29.43
C MET B 178 -1.71 6.37 -30.11
N ALA B 179 -0.84 7.10 -30.79
CA ALA B 179 -1.22 8.36 -31.41
C ALA B 179 -2.34 8.20 -32.44
N GLU B 180 -2.27 7.12 -33.21
CA GLU B 180 -3.31 6.86 -34.19
C GLU B 180 -4.65 6.66 -33.47
N ILE B 181 -4.63 5.85 -32.42
CA ILE B 181 -5.83 5.56 -31.65
C ILE B 181 -6.41 6.80 -30.98
N ALA B 182 -5.54 7.60 -30.37
CA ALA B 182 -5.99 8.68 -29.51
C ALA B 182 -6.47 9.90 -30.27
N ASP B 183 -7.46 10.58 -29.71
CA ASP B 183 -8.00 11.79 -30.32
C ASP B 183 -6.94 12.87 -30.39
N ILE B 184 -6.36 13.19 -29.24
CA ILE B 184 -5.28 14.15 -29.20
C ILE B 184 -3.98 13.40 -28.98
N ALA B 185 -2.99 13.68 -29.81
CA ALA B 185 -1.68 13.05 -29.65
C ALA B 185 -0.64 14.09 -29.25
N ILE B 186 0.01 13.87 -28.11
CA ILE B 186 1.09 14.74 -27.71
C ILE B 186 2.39 14.01 -27.88
N GLU B 187 3.31 14.61 -28.64
CA GLU B 187 4.57 13.96 -28.94
C GLU B 187 5.72 14.77 -28.43
N THR B 188 6.31 14.29 -27.34
CA THR B 188 7.46 14.92 -26.75
C THR B 188 8.69 14.25 -27.35
N ILE B 189 9.27 14.88 -28.36
CA ILE B 189 10.42 14.33 -29.04
C ILE B 189 11.67 14.87 -28.38
N VAL B 190 12.32 14.01 -27.60
CA VAL B 190 13.37 14.44 -26.69
C VAL B 190 14.73 13.98 -27.19
N GLY B 191 14.73 13.18 -28.24
CA GLY B 191 15.96 12.61 -28.76
C GLY B 191 16.40 11.37 -27.99
N PRO B 192 17.52 10.76 -28.43
CA PRO B 192 18.13 9.60 -27.76
C PRO B 192 18.47 9.89 -26.29
N GLU B 193 18.21 8.93 -25.40
CA GLU B 193 18.53 9.09 -23.99
C GLU B 193 20.04 8.89 -23.74
N ILE B 194 20.56 9.49 -22.67
CA ILE B 194 22.00 9.45 -22.42
C ILE B 194 22.46 8.03 -22.13
N LEU B 195 21.54 7.21 -21.59
CA LEU B 195 21.69 5.76 -21.47
C LEU B 195 20.67 5.15 -22.42
N THR B 196 21.11 4.30 -23.34
CA THR B 196 20.24 3.87 -24.43
C THR B 196 18.99 3.13 -23.95
N GLY B 197 17.84 3.79 -24.10
CA GLY B 197 16.57 3.24 -23.69
C GLY B 197 16.15 3.63 -22.30
N SER B 198 16.89 4.52 -21.66
CA SER B 198 16.52 4.92 -20.31
C SER B 198 15.45 5.99 -20.37
N SER B 199 14.22 5.57 -20.65
CA SER B 199 13.11 6.50 -20.81
C SER B 199 12.72 7.17 -19.50
N ARG B 200 13.16 6.62 -18.39
CA ARG B 200 12.96 7.30 -17.09
C ARG B 200 13.52 8.74 -17.06
N LEU B 201 14.54 9.03 -17.90
CA LEU B 201 15.25 10.32 -17.90
C LEU B 201 14.53 11.45 -18.62
N LYS B 202 15.01 11.82 -19.81
CA LYS B 202 14.34 12.85 -20.63
C LYS B 202 12.82 12.69 -20.77
N SER B 203 12.36 11.52 -21.23
CA SER B 203 10.93 11.32 -21.47
C SER B 203 10.13 11.55 -20.20
N GLY B 204 10.66 11.04 -19.08
CA GLY B 204 10.00 11.11 -17.81
C GLY B 204 9.84 12.54 -17.36
N THR B 205 10.88 13.34 -17.57
CA THR B 205 10.83 14.76 -17.24
C THR B 205 9.83 15.48 -18.13
N ALA B 206 9.79 15.08 -19.40
CA ALA B 206 8.87 15.66 -20.36
C ALA B 206 7.42 15.33 -19.97
N GLN B 207 7.17 14.06 -19.69
CA GLN B 207 5.88 13.63 -19.15
C GLN B 207 5.45 14.42 -17.91
N LYS B 208 6.32 14.56 -16.91
CA LYS B 208 6.03 15.39 -15.75
C LYS B 208 5.55 16.78 -16.11
N MET B 209 6.30 17.45 -17.00
CA MET B 209 5.99 18.82 -17.41
C MET B 209 4.59 18.89 -17.98
N VAL B 210 4.27 17.94 -18.84
CA VAL B 210 2.99 17.96 -19.55
C VAL B 210 1.84 17.68 -18.61
N LEU B 211 1.99 16.63 -17.80
CA LEU B 211 1.00 16.32 -16.77
C LEU B 211 0.74 17.53 -15.87
N ASN B 212 1.81 18.15 -15.34
CA ASN B 212 1.70 19.37 -14.53
C ASN B 212 0.93 20.46 -15.24
N MET B 213 1.12 20.58 -16.56
CA MET B 213 0.38 21.54 -17.36
C MET B 213 -1.11 21.20 -17.42
N LEU B 214 -1.39 19.92 -17.69
CA LEU B 214 -2.76 19.47 -17.88
C LEU B 214 -3.59 19.77 -16.62
N THR B 215 -3.00 19.55 -15.45
CA THR B 215 -3.74 19.77 -14.21
C THR B 215 -3.69 21.22 -13.71
N THR B 216 -2.53 21.87 -13.81
CA THR B 216 -2.41 23.25 -13.34
C THR B 216 -3.25 24.21 -14.19
N ALA B 217 -3.17 24.05 -15.51
CA ALA B 217 -3.96 24.91 -16.41
C ALA B 217 -5.45 24.74 -16.16
N SER B 218 -5.94 23.50 -16.30
CA SER B 218 -7.33 23.13 -15.97
C SER B 218 -7.87 23.72 -14.68
N MET B 219 -7.30 23.27 -13.57
CA MET B 219 -7.70 23.75 -12.25
C MET B 219 -7.81 25.28 -12.16
N ILE B 220 -6.81 25.98 -12.67
CA ILE B 220 -6.86 27.45 -12.72
C ILE B 220 -8.12 27.95 -13.42
N LEU B 221 -8.44 27.32 -14.54
CA LEU B 221 -9.58 27.74 -15.32
C LEU B 221 -10.90 27.30 -14.71
N LEU B 222 -10.85 26.39 -13.73
CA LEU B 222 -12.00 26.07 -12.91
C LEU B 222 -12.14 27.03 -11.71
N GLY B 223 -11.25 28.00 -11.59
CA GLY B 223 -11.37 29.00 -10.54
C GLY B 223 -10.65 28.63 -9.26
N LYS B 224 -9.86 27.57 -9.31
CA LYS B 224 -9.21 27.08 -8.10
C LYS B 224 -7.95 27.91 -7.91
N CYS B 225 -8.15 29.22 -8.01
CA CYS B 225 -7.08 30.14 -8.20
C CYS B 225 -7.66 31.54 -8.07
N TYR B 226 -6.83 32.49 -7.69
CA TYR B 226 -7.15 33.91 -7.78
C TYR B 226 -5.83 34.67 -7.87
N GLU B 227 -5.73 35.58 -8.86
CA GLU B 227 -4.47 36.16 -9.30
C GLU B 227 -3.44 35.03 -9.50
N ASN B 228 -2.30 35.08 -8.81
CA ASN B 228 -1.43 33.89 -8.74
C ASN B 228 -1.38 33.24 -7.37
N LEU B 229 -2.46 33.35 -6.62
CA LEU B 229 -2.46 32.84 -5.26
C LEU B 229 -3.25 31.53 -5.12
N MET B 230 -2.77 30.66 -4.24
CA MET B 230 -3.33 29.34 -4.07
C MET B 230 -4.56 29.34 -3.16
N VAL B 231 -5.62 30.08 -3.54
CA VAL B 231 -6.77 30.27 -2.66
C VAL B 231 -7.41 28.99 -2.12
N ASP B 232 -7.30 27.90 -2.86
CA ASP B 232 -7.97 26.66 -2.44
C ASP B 232 -7.04 25.65 -1.79
N VAL B 233 -5.89 26.12 -1.32
CA VAL B 233 -4.90 25.28 -0.68
C VAL B 233 -5.47 24.58 0.56
N GLN B 234 -5.23 23.28 0.68
CA GLN B 234 -5.60 22.54 1.87
C GLN B 234 -4.52 22.66 2.95
N ALA B 235 -4.71 23.60 3.87
CA ALA B 235 -3.70 23.86 4.90
C ALA B 235 -3.48 22.68 5.86
N SER B 236 -2.67 21.71 5.44
CA SER B 236 -2.53 20.46 6.17
C SER B 236 -1.24 20.34 6.98
N ASN B 237 -0.48 21.44 7.07
CA ASN B 237 0.76 21.46 7.84
C ASN B 237 1.18 22.88 8.23
N GLU B 238 2.16 23.01 9.11
CA GLU B 238 2.54 24.31 9.64
C GLU B 238 3.02 25.26 8.55
N LYS B 239 3.55 24.72 7.47
CA LYS B 239 3.91 25.56 6.34
C LYS B 239 2.66 26.14 5.69
N LEU B 240 1.75 25.26 5.28
CA LEU B 240 0.57 25.68 4.52
C LEU B 240 -0.42 26.46 5.36
N LYS B 241 -0.38 26.28 6.67
CA LYS B 241 -1.27 27.04 7.55
C LYS B 241 -0.75 28.46 7.62
N ALA B 242 0.56 28.63 7.58
CA ALA B 242 1.13 29.95 7.44
C ALA B 242 0.75 30.55 6.07
N ARG B 243 0.95 29.77 5.00
CA ARG B 243 0.66 30.24 3.66
C ARG B 243 -0.79 30.66 3.44
N ALA B 244 -1.73 30.04 4.17
CA ALA B 244 -3.14 30.38 4.01
C ALA B 244 -3.43 31.80 4.53
N VAL B 245 -2.80 32.15 5.63
CA VAL B 245 -2.92 33.50 6.18
C VAL B 245 -2.20 34.50 5.27
N ARG B 246 -1.06 34.08 4.73
CA ARG B 246 -0.29 34.93 3.84
C ARG B 246 -1.08 35.22 2.55
N ILE B 247 -1.90 34.26 2.15
CA ILE B 247 -2.68 34.41 0.93
C ILE B 247 -3.73 35.48 1.15
N VAL B 248 -4.51 35.31 2.20
CA VAL B 248 -5.59 36.23 2.57
C VAL B 248 -5.06 37.64 2.82
N MET B 249 -3.78 37.76 3.13
CA MET B 249 -3.19 39.08 3.34
C MET B 249 -2.68 39.67 2.04
N GLN B 250 -1.94 38.88 1.28
CA GLN B 250 -1.51 39.27 -0.05
C GLN B 250 -2.70 39.74 -0.91
N ALA B 251 -3.82 39.05 -0.80
CA ALA B 251 -4.97 39.29 -1.70
C ALA B 251 -5.89 40.40 -1.24
N THR B 252 -5.82 40.71 0.04
CA THR B 252 -6.63 41.73 0.65
C THR B 252 -5.70 42.41 1.63
N ASP B 253 -5.19 43.59 1.30
CA ASP B 253 -4.13 44.20 2.12
C ASP B 253 -4.48 44.47 3.59
N CYS B 254 -5.12 43.47 4.21
CA CYS B 254 -5.61 43.52 5.59
C CYS B 254 -4.55 42.99 6.54
N ASN B 255 -4.60 43.42 7.79
CA ASN B 255 -3.64 43.03 8.80
C ASN B 255 -3.70 41.52 9.13
N LYS B 256 -2.63 40.99 9.73
CA LYS B 256 -2.55 39.57 10.08
C LYS B 256 -3.69 39.08 10.97
N THR B 257 -3.97 39.82 12.04
CA THR B 257 -5.03 39.44 12.98
C THR B 257 -6.37 39.33 12.26
N LEU B 258 -6.64 40.32 11.41
CA LEU B 258 -7.88 40.41 10.65
C LEU B 258 -8.04 39.22 9.70
N ALA B 259 -6.91 38.75 9.17
CA ALA B 259 -6.92 37.62 8.24
C ALA B 259 -7.21 36.30 8.93
N GLU B 260 -6.52 36.06 10.05
CA GLU B 260 -6.69 34.86 10.86
C GLU B 260 -8.13 34.70 11.31
N GLN B 261 -8.70 35.78 11.81
CA GLN B 261 -10.09 35.77 12.23
C GLN B 261 -11.06 35.37 11.13
N THR B 262 -10.90 35.95 9.94
CA THR B 262 -11.81 35.64 8.83
C THR B 262 -11.61 34.19 8.37
N LEU B 263 -10.42 33.66 8.60
CA LEU B 263 -10.16 32.25 8.35
C LEU B 263 -10.99 31.35 9.28
N LEU B 264 -11.19 31.78 10.53
CA LEU B 264 -12.09 31.09 11.46
C LEU B 264 -13.51 30.90 10.88
N GLU B 265 -14.09 32.03 10.45
CA GLU B 265 -15.49 32.10 10.06
C GLU B 265 -15.79 31.40 8.75
N ALA B 266 -14.81 31.43 7.85
CA ALA B 266 -14.99 30.86 6.53
C ALA B 266 -14.67 29.38 6.56
N ASP B 267 -14.39 28.89 7.75
CA ASP B 267 -13.91 27.52 7.97
C ASP B 267 -12.64 27.27 7.17
N GLN B 268 -11.71 28.21 7.30
CA GLN B 268 -10.37 28.05 6.77
C GLN B 268 -10.33 27.99 5.25
N ASN B 269 -11.32 28.59 4.59
CA ASN B 269 -11.37 28.70 3.13
C ASN B 269 -10.78 30.04 2.73
N ALA B 270 -9.56 30.04 2.20
CA ALA B 270 -8.90 31.29 1.83
C ALA B 270 -9.73 32.05 0.81
N LYS B 271 -10.33 31.31 -0.13
CA LYS B 271 -11.16 31.91 -1.17
C LYS B 271 -12.37 32.63 -0.59
N LEU B 272 -13.07 31.98 0.35
CA LEU B 272 -14.23 32.59 0.99
C LEU B 272 -13.81 33.77 1.87
N ALA B 273 -12.72 33.60 2.61
CA ALA B 273 -12.22 34.66 3.49
C ALA B 273 -11.88 35.92 2.72
N ILE B 274 -11.16 35.76 1.62
CA ILE B 274 -10.85 36.88 0.74
C ILE B 274 -12.15 37.52 0.21
N MET B 275 -13.07 36.71 -0.29
CA MET B 275 -14.39 37.18 -0.76
C MET B 275 -15.20 37.92 0.30
N MET B 276 -15.26 37.36 1.51
CA MET B 276 -15.87 38.04 2.63
C MET B 276 -15.18 39.37 2.96
N ILE B 277 -13.85 39.34 3.05
CA ILE B 277 -13.09 40.50 3.52
C ILE B 277 -13.17 41.65 2.54
N LEU B 278 -13.05 41.32 1.26
CA LEU B 278 -13.14 42.26 0.17
C LEU B 278 -14.45 43.02 0.22
N SER B 279 -15.52 42.33 -0.20
CA SER B 279 -16.87 42.82 -0.10
C SER B 279 -17.27 42.97 1.36
N THR B 280 -18.55 43.19 1.63
CA THR B 280 -18.98 43.31 3.01
C THR B 280 -19.42 41.96 3.57
N LEU B 281 -20.25 42.01 4.61
CA LEU B 281 -20.86 40.81 5.18
C LEU B 281 -21.63 40.08 4.07
N SER B 282 -21.84 38.76 4.19
CA SER B 282 -21.44 37.94 5.33
C SER B 282 -20.94 36.62 4.79
N LYS B 283 -20.75 35.63 5.68
CA LYS B 283 -20.32 34.31 5.26
C LYS B 283 -21.39 33.71 4.36
N SER B 284 -22.64 33.92 4.74
CA SER B 284 -23.79 33.41 4.02
C SER B 284 -23.79 33.90 2.58
N GLU B 285 -24.09 35.18 2.40
CA GLU B 285 -24.21 35.73 1.06
C GLU B 285 -22.91 35.61 0.24
N ALA B 286 -21.76 35.76 0.90
CA ALA B 286 -20.47 35.61 0.21
C ALA B 286 -20.25 34.18 -0.25
N LYS B 287 -20.96 33.24 0.37
CA LYS B 287 -20.91 31.85 -0.06
C LYS B 287 -21.76 31.61 -1.32
N VAL B 288 -22.95 32.20 -1.37
CA VAL B 288 -23.82 32.06 -2.54
C VAL B 288 -23.33 32.88 -3.75
N LEU B 289 -22.56 33.94 -3.49
CA LEU B 289 -22.08 34.80 -4.55
C LEU B 289 -21.19 34.08 -5.56
N LEU B 290 -20.11 33.48 -5.10
CA LEU B 290 -19.23 32.75 -6.02
C LEU B 290 -19.68 31.32 -6.29
N GLU B 291 -20.74 30.90 -5.62
CA GLU B 291 -21.44 29.68 -6.01
C GLU B 291 -22.13 29.93 -7.34
N ARG B 292 -22.83 31.06 -7.43
CA ARG B 292 -23.51 31.47 -8.67
C ARG B 292 -22.50 31.81 -9.76
N HIS B 293 -21.23 31.91 -9.37
CA HIS B 293 -20.13 32.14 -10.30
C HIS B 293 -19.21 30.90 -10.38
N GLN B 294 -19.69 29.79 -9.81
CA GLN B 294 -18.98 28.50 -9.72
C GLN B 294 -17.43 28.52 -9.70
N GLY B 295 -16.86 29.24 -8.75
CA GLY B 295 -15.41 29.30 -8.66
C GLY B 295 -14.85 30.66 -8.31
N LYS B 296 -15.05 31.65 -9.19
CA LYS B 296 -14.51 32.99 -8.93
C LYS B 296 -15.55 34.05 -9.29
N LEU B 297 -15.61 35.12 -8.50
CA LEU B 297 -16.46 36.29 -8.80
C LEU B 297 -15.98 37.39 -9.80
N ARG B 298 -14.71 37.79 -9.85
CA ARG B 298 -13.50 37.10 -9.37
C ARG B 298 -13.34 36.77 -7.88
N ASN B 299 -12.76 35.60 -7.65
CA ASN B 299 -12.59 35.02 -6.33
C ASN B 299 -11.92 35.96 -5.32
N ILE C 5 4.76 34.01 14.03
CA ILE C 5 4.80 32.56 14.02
C ILE C 5 5.80 32.06 12.95
N LEU C 6 5.30 31.30 11.98
CA LEU C 6 6.10 30.76 10.90
C LEU C 6 5.94 31.69 9.72
N LYS C 7 5.11 32.71 9.89
CA LYS C 7 5.00 33.75 8.90
C LYS C 7 6.30 34.53 8.88
N SER C 8 7.27 33.91 8.23
CA SER C 8 8.57 34.45 7.90
C SER C 8 8.69 34.11 6.43
N LEU C 9 7.56 33.70 5.86
CA LEU C 9 7.52 33.16 4.51
C LEU C 9 7.95 34.20 3.48
N SER C 10 7.82 35.48 3.84
CA SER C 10 8.23 36.57 2.96
C SER C 10 9.65 36.41 2.41
N THR C 11 10.50 35.74 3.19
CA THR C 11 11.92 35.58 2.86
C THR C 11 12.17 34.47 1.84
N LEU C 12 11.20 33.56 1.68
CA LEU C 12 11.43 32.38 0.84
C LEU C 12 11.04 32.62 -0.59
N ILE C 13 11.92 32.24 -1.51
CA ILE C 13 11.65 32.39 -2.94
C ILE C 13 10.48 31.50 -3.30
N THR C 14 10.55 30.25 -2.83
CA THR C 14 9.50 29.27 -3.07
C THR C 14 8.12 29.79 -2.66
N GLU C 15 8.07 30.79 -1.81
CA GLU C 15 6.80 31.39 -1.44
C GLU C 15 6.55 32.76 -2.07
N GLN C 16 7.47 33.27 -2.88
CA GLN C 16 7.26 34.56 -3.54
C GLN C 16 6.39 34.51 -4.80
N ARG C 17 5.71 35.62 -5.08
CA ARG C 17 4.84 35.69 -6.26
C ARG C 17 5.64 35.98 -7.53
N ASN C 18 5.43 35.16 -8.55
CA ASN C 18 6.04 35.39 -9.86
C ASN C 18 5.33 36.56 -10.53
N PRO C 19 6.11 37.56 -10.98
CA PRO C 19 5.51 38.75 -11.63
C PRO C 19 4.78 38.41 -12.91
N ASN C 20 5.24 37.38 -13.60
CA ASN C 20 4.72 37.04 -14.90
C ASN C 20 3.39 36.29 -14.87
N SER C 21 2.87 36.02 -13.68
CA SER C 21 1.68 35.17 -13.56
C SER C 21 0.56 35.83 -12.78
N VAL C 22 0.71 37.12 -12.48
CA VAL C 22 -0.28 37.82 -11.65
C VAL C 22 -1.72 37.60 -12.11
N ASP C 23 -1.96 37.60 -13.42
CA ASP C 23 -3.34 37.34 -13.86
C ASP C 23 -3.46 36.14 -14.77
N ILE C 24 -2.95 35.02 -14.28
CA ILE C 24 -2.97 33.76 -15.01
C ILE C 24 -4.37 33.12 -14.97
N ASP C 25 -5.23 33.64 -14.09
CA ASP C 25 -6.60 33.16 -13.94
C ASP C 25 -7.50 33.80 -15.00
N ARG C 26 -6.99 34.86 -15.63
CA ARG C 26 -7.69 35.54 -16.71
C ARG C 26 -7.13 35.11 -18.07
N GLN C 27 -6.16 34.22 -18.05
CA GLN C 27 -5.48 33.80 -19.27
C GLN C 27 -6.13 32.60 -19.93
N SER C 28 -5.75 32.37 -21.19
CA SER C 28 -6.26 31.27 -21.99
C SER C 28 -5.42 30.01 -21.79
N THR C 29 -5.99 28.86 -22.14
CA THR C 29 -5.29 27.60 -22.00
C THR C 29 -3.93 27.68 -22.66
N LEU C 30 -3.91 28.27 -23.84
CA LEU C 30 -2.68 28.46 -24.58
C LEU C 30 -1.70 29.37 -23.81
N GLU C 31 -2.19 30.51 -23.37
CA GLU C 31 -1.30 31.45 -22.70
C GLU C 31 -0.71 30.88 -21.40
N ILE C 32 -1.54 30.21 -20.59
CA ILE C 32 -1.06 29.49 -19.41
C ILE C 32 0.01 28.43 -19.70
N VAL C 33 -0.27 27.51 -20.62
CA VAL C 33 0.70 26.44 -20.91
C VAL C 33 1.96 27.00 -21.59
N ARG C 34 1.81 28.10 -22.33
CA ARG C 34 2.96 28.82 -22.88
C ARG C 34 3.81 29.42 -21.76
N LEU C 35 3.17 30.04 -20.78
CA LEU C 35 3.89 30.60 -19.65
C LEU C 35 4.62 29.51 -18.89
N MET C 36 3.97 28.36 -18.72
CA MET C 36 4.61 27.30 -17.95
C MET C 36 5.82 26.77 -18.70
N ASN C 37 5.66 26.61 -20.02
CA ASN C 37 6.76 26.15 -20.86
C ASN C 37 7.95 27.12 -20.82
N GLU C 38 7.67 28.41 -20.69
CA GLU C 38 8.73 29.40 -20.59
C GLU C 38 9.56 29.22 -19.34
N GLU C 39 8.88 29.09 -18.20
CA GLU C 39 9.55 28.90 -16.91
C GLU C 39 10.27 27.56 -16.86
N ASP C 40 9.68 26.53 -17.44
CA ASP C 40 10.35 25.23 -17.52
C ASP C 40 11.71 25.34 -18.24
N LYS C 41 11.78 26.20 -19.26
CA LYS C 41 13.02 26.40 -20.04
C LYS C 41 14.21 26.80 -19.15
N LEU C 42 13.91 27.48 -18.04
CA LEU C 42 14.90 27.93 -17.06
C LEU C 42 15.36 26.85 -16.08
N VAL C 43 14.64 25.73 -16.00
CA VAL C 43 14.95 24.74 -14.96
C VAL C 43 16.31 24.03 -15.15
N PRO C 44 16.62 23.54 -16.37
CA PRO C 44 17.92 22.85 -16.47
C PRO C 44 19.16 23.75 -16.30
N LEU C 45 18.97 25.07 -16.28
CA LEU C 45 20.07 26.02 -16.05
C LEU C 45 20.37 26.15 -14.58
N ALA C 46 19.32 26.05 -13.78
CA ALA C 46 19.50 26.03 -12.33
C ALA C 46 20.40 24.85 -11.96
N ILE C 47 20.15 23.70 -12.58
CA ILE C 47 20.89 22.48 -12.27
C ILE C 47 22.33 22.62 -12.73
N GLU C 48 22.51 23.33 -13.84
CA GLU C 48 23.84 23.63 -14.35
C GLU C 48 24.74 24.19 -13.25
N SER C 49 24.23 25.17 -12.50
CA SER C 49 25.01 25.77 -11.41
C SER C 49 25.37 24.75 -10.34
N CYS C 50 24.51 23.76 -10.12
CA CYS C 50 24.68 22.75 -9.09
C CYS C 50 25.62 21.62 -9.49
N LEU C 51 26.05 21.64 -10.75
CA LEU C 51 26.82 20.51 -11.29
C LEU C 51 28.08 20.10 -10.54
N PRO C 52 28.83 21.06 -9.96
CA PRO C 52 29.94 20.64 -9.10
C PRO C 52 29.49 19.90 -7.82
N GLN C 53 28.58 20.48 -7.05
CA GLN C 53 28.03 19.80 -5.88
C GLN C 53 27.52 18.41 -6.23
N ILE C 54 26.74 18.31 -7.31
CA ILE C 54 26.19 17.04 -7.77
C ILE C 54 27.33 16.09 -8.08
N SER C 55 28.32 16.59 -8.82
CA SER C 55 29.55 15.87 -9.12
C SER C 55 30.15 15.24 -7.85
N LEU C 56 30.28 16.08 -6.82
CA LEU C 56 30.83 15.68 -5.52
C LEU C 56 30.01 14.57 -4.85
N ALA C 57 28.71 14.83 -4.76
CA ALA C 57 27.78 13.94 -4.06
C ALA C 57 27.78 12.55 -4.68
N VAL C 58 27.90 12.49 -6.00
CA VAL C 58 27.89 11.22 -6.69
C VAL C 58 29.13 10.43 -6.29
N GLU C 59 30.29 11.05 -6.39
CA GLU C 59 31.53 10.34 -6.18
C GLU C 59 31.58 9.79 -4.76
N GLN C 60 30.97 10.52 -3.84
CA GLN C 60 30.85 10.02 -2.49
C GLN C 60 29.77 8.93 -2.31
N ILE C 61 28.64 9.04 -3.02
CA ILE C 61 27.65 7.97 -3.01
C ILE C 61 28.31 6.65 -3.48
N VAL C 62 29.09 6.75 -4.56
CA VAL C 62 29.75 5.59 -5.15
C VAL C 62 30.79 4.94 -4.25
N GLN C 63 31.54 5.77 -3.54
CA GLN C 63 32.49 5.28 -2.55
C GLN C 63 31.78 4.48 -1.45
N ALA C 64 30.67 5.04 -0.96
CA ALA C 64 29.84 4.35 0.02
C ALA C 64 29.29 3.04 -0.52
N PHE C 65 28.81 3.07 -1.76
CA PHE C 65 28.33 1.86 -2.41
C PHE C 65 29.32 0.69 -2.26
N GLN C 66 30.61 0.95 -2.48
CA GLN C 66 31.60 -0.12 -2.36
C GLN C 66 31.99 -0.45 -0.93
N GLN C 67 31.44 0.30 0.03
CA GLN C 67 31.61 0.00 1.44
C GLN C 67 30.41 -0.78 1.96
N GLY C 68 29.48 -1.13 1.07
CA GLY C 68 28.26 -1.81 1.49
C GLY C 68 27.18 -0.90 2.03
N GLY C 69 27.34 0.40 1.84
CA GLY C 69 26.31 1.36 2.22
C GLY C 69 25.19 1.58 1.19
N ARG C 70 24.13 2.26 1.60
CA ARG C 70 22.97 2.47 0.75
C ARG C 70 22.71 3.97 0.51
N LEU C 71 22.17 4.27 -0.67
CA LEU C 71 21.60 5.58 -0.96
C LEU C 71 20.20 5.59 -0.36
N ILE C 72 19.91 6.62 0.43
CA ILE C 72 18.61 6.73 1.09
C ILE C 72 18.02 8.10 0.80
N TYR C 73 16.76 8.15 0.38
CA TYR C 73 16.10 9.44 0.19
C TYR C 73 15.03 9.67 1.23
N ILE C 74 14.82 10.94 1.58
CA ILE C 74 13.74 11.31 2.50
C ILE C 74 13.14 12.65 2.12
N GLY C 75 11.82 12.71 2.13
CA GLY C 75 11.12 13.97 1.97
C GLY C 75 9.65 13.72 2.20
N ALA C 76 8.89 14.75 2.49
CA ALA C 76 7.44 14.66 2.49
C ALA C 76 6.84 15.14 1.16
N GLY C 77 5.54 14.97 1.01
CA GLY C 77 4.80 15.56 -0.09
C GLY C 77 5.32 15.07 -1.43
N THR C 78 5.63 15.98 -2.35
CA THR C 78 6.15 15.62 -3.68
C THR C 78 7.61 15.12 -3.62
N SER C 79 8.44 15.81 -2.87
CA SER C 79 9.83 15.37 -2.74
C SER C 79 9.95 13.90 -2.36
N GLY C 80 9.09 13.45 -1.45
CA GLY C 80 9.01 12.03 -1.09
C GLY C 80 8.85 11.09 -2.28
N ARG C 81 7.77 11.25 -3.03
CA ARG C 81 7.45 10.36 -4.16
C ARG C 81 8.50 10.48 -5.27
N LEU C 82 9.08 11.67 -5.42
CA LEU C 82 10.21 11.77 -6.34
C LEU C 82 11.33 10.89 -5.83
N GLY C 83 11.52 10.89 -4.51
CA GLY C 83 12.48 9.99 -3.88
C GLY C 83 12.20 8.53 -4.21
N VAL C 84 10.95 8.13 -4.03
CA VAL C 84 10.52 6.78 -4.41
C VAL C 84 10.55 6.52 -5.94
N LEU C 85 10.23 7.52 -6.75
CA LEU C 85 10.24 7.33 -8.20
C LEU C 85 11.65 7.02 -8.73
N ASP C 86 12.62 7.82 -8.33
CA ASP C 86 13.99 7.62 -8.79
C ASP C 86 14.43 6.28 -8.26
N ALA C 87 14.12 6.06 -6.99
CA ALA C 87 14.48 4.80 -6.32
C ALA C 87 13.80 3.58 -6.89
N SER C 88 12.60 3.72 -7.45
CA SER C 88 11.88 2.57 -8.00
C SER C 88 12.52 1.98 -9.26
N GLU C 89 13.44 2.74 -9.87
CA GLU C 89 13.92 2.39 -11.19
C GLU C 89 15.34 1.84 -11.27
N CYS C 90 15.99 1.55 -10.15
CA CYS C 90 17.40 1.13 -10.21
C CYS C 90 17.69 -0.37 -10.39
N PRO C 91 16.90 -1.26 -9.74
CA PRO C 91 17.20 -2.67 -10.06
C PRO C 91 16.87 -3.13 -11.50
N PRO C 92 15.71 -2.74 -12.05
CA PRO C 92 15.52 -3.18 -13.44
C PRO C 92 16.44 -2.58 -14.53
N THR C 93 17.15 -1.48 -14.24
CA THR C 93 18.08 -0.88 -15.22
C THR C 93 19.52 -1.37 -15.07
N PHE C 94 20.00 -1.44 -13.83
CA PHE C 94 21.40 -1.77 -13.61
C PHE C 94 21.54 -3.16 -12.98
N GLY C 95 20.42 -3.77 -12.59
CA GLY C 95 20.44 -5.10 -12.00
C GLY C 95 20.84 -5.17 -10.54
N VAL C 96 20.80 -4.05 -9.84
CA VAL C 96 21.21 -4.05 -8.44
C VAL C 96 20.08 -4.52 -7.54
N SER C 97 20.37 -4.64 -6.25
CA SER C 97 19.37 -5.06 -5.27
C SER C 97 18.34 -3.93 -5.05
N THR C 98 17.21 -4.26 -4.43
CA THR C 98 16.19 -3.26 -4.12
C THR C 98 16.60 -2.50 -2.87
N GLU C 99 17.77 -2.85 -2.34
CA GLU C 99 18.25 -2.24 -1.12
C GLU C 99 19.25 -1.11 -1.37
N MET C 100 20.11 -1.28 -2.37
CA MET C 100 21.09 -0.25 -2.71
C MET C 100 20.52 1.17 -2.75
N VAL C 101 19.33 1.33 -3.34
CA VAL C 101 18.69 2.65 -3.40
C VAL C 101 17.24 2.67 -2.90
N LYS C 102 17.07 3.06 -1.63
CA LYS C 102 15.75 3.14 -1.03
C LYS C 102 15.26 4.57 -0.88
N GLY C 103 13.97 4.75 -1.08
CA GLY C 103 13.33 6.02 -0.82
C GLY C 103 12.43 5.88 0.39
N ILE C 104 12.50 6.85 1.28
CA ILE C 104 11.57 6.93 2.39
C ILE C 104 10.75 8.21 2.26
N ILE C 105 9.43 8.09 2.37
CA ILE C 105 8.54 9.26 2.41
C ILE C 105 7.83 9.42 3.76
N ALA C 106 7.78 10.66 4.26
CA ALA C 106 7.12 10.97 5.51
C ALA C 106 5.64 10.59 5.49
N GLY C 107 5.24 9.79 6.48
CA GLY C 107 3.86 9.37 6.60
C GLY C 107 3.68 7.94 6.13
N GLY C 108 4.75 7.35 5.63
CA GLY C 108 4.73 5.96 5.21
C GLY C 108 3.84 5.79 4.01
N GLU C 109 3.60 4.54 3.59
CA GLU C 109 2.82 4.24 2.38
C GLU C 109 1.59 5.10 2.14
N CYS C 110 0.93 5.53 3.20
CA CYS C 110 -0.23 6.42 3.11
C CYS C 110 0.06 7.71 2.34
N ALA C 111 1.33 8.10 2.28
CA ALA C 111 1.72 9.37 1.67
C ALA C 111 1.99 9.28 0.17
N ILE C 112 2.28 8.08 -0.29
CA ILE C 112 2.56 7.85 -1.69
C ILE C 112 1.44 8.35 -2.62
N ARG C 113 0.20 8.07 -2.25
CA ARG C 113 -0.96 8.38 -3.09
C ARG C 113 -1.56 9.74 -2.82
N HIS C 114 -1.51 10.18 -1.57
CA HIS C 114 -2.13 11.43 -1.18
C HIS C 114 -1.31 11.98 -0.01
N PRO C 115 -1.64 13.20 0.45
CA PRO C 115 -0.83 13.58 1.59
C PRO C 115 -1.28 12.90 2.89
N VAL C 116 -0.46 13.04 3.92
CA VAL C 116 -0.75 12.57 5.26
C VAL C 116 -0.59 13.78 6.14
N GLU C 117 -1.68 14.23 6.77
CA GLU C 117 -1.64 15.51 7.48
C GLU C 117 -0.49 15.63 8.47
N GLY C 118 0.24 16.74 8.39
CA GLY C 118 1.32 17.05 9.30
C GLY C 118 2.44 16.03 9.37
N ALA C 119 2.54 15.16 8.36
CA ALA C 119 3.56 14.13 8.32
C ALA C 119 4.92 14.78 8.18
N GLU C 120 4.92 15.94 7.52
CA GLU C 120 6.14 16.68 7.21
C GLU C 120 6.67 17.44 8.42
N ASP C 121 5.83 17.53 9.45
CA ASP C 121 6.21 18.20 10.68
C ASP C 121 6.57 17.18 11.78
N ASN C 122 6.38 15.89 11.51
CA ASN C 122 6.64 14.87 12.52
C ASN C 122 8.14 14.60 12.72
N THR C 123 8.74 15.24 13.71
CA THR C 123 10.18 15.10 13.92
C THR C 123 10.56 13.71 14.44
N LYS C 124 9.66 13.09 15.19
CA LYS C 124 9.93 11.76 15.74
C LYS C 124 9.78 10.60 14.73
N ALA C 125 8.76 10.66 13.87
CA ALA C 125 8.55 9.61 12.87
C ALA C 125 9.74 9.39 11.94
N VAL C 126 10.50 10.45 11.67
CA VAL C 126 11.66 10.29 10.82
C VAL C 126 12.70 9.44 11.53
N LEU C 127 12.84 9.67 12.84
CA LEU C 127 13.72 8.83 13.66
C LEU C 127 13.25 7.38 13.58
N ASN C 128 11.96 7.19 13.77
CA ASN C 128 11.41 5.85 13.66
C ASN C 128 11.62 5.26 12.28
N ASP C 129 11.50 6.10 11.26
CA ASP C 129 11.56 5.62 9.88
C ASP C 129 12.99 5.20 9.49
N LEU C 130 13.98 5.96 9.95
CA LEU C 130 15.38 5.63 9.67
C LEU C 130 15.86 4.46 10.53
N GLN C 131 15.26 4.32 11.70
CA GLN C 131 15.49 3.17 12.57
C GLN C 131 15.05 1.88 11.88
N SER C 132 13.83 1.90 11.34
CA SER C 132 13.21 0.72 10.71
C SER C 132 14.04 0.04 9.62
N ILE C 133 14.81 0.84 8.87
CA ILE C 133 15.71 0.29 7.85
C ILE C 133 17.16 0.22 8.36
N HIS C 134 17.36 0.64 9.61
CA HIS C 134 18.67 0.62 10.25
C HIS C 134 19.71 1.49 9.55
N PHE C 135 19.45 2.79 9.52
CA PHE C 135 20.38 3.73 8.91
C PHE C 135 21.67 3.82 9.74
N SER C 136 22.78 3.43 9.11
CA SER C 136 24.06 3.48 9.77
C SER C 136 24.99 4.51 9.16
N LYS C 137 25.88 5.01 10.02
CA LYS C 137 27.22 5.48 9.68
C LYS C 137 27.62 5.21 8.23
N ASN C 138 27.42 3.98 7.79
CA ASN C 138 27.79 3.54 6.47
C ASN C 138 26.90 4.01 5.30
N ASP C 139 25.66 4.40 5.60
CA ASP C 139 24.74 4.77 4.54
C ASP C 139 24.87 6.24 4.18
N VAL C 140 24.24 6.65 3.09
CA VAL C 140 24.17 8.06 2.70
C VAL C 140 22.72 8.55 2.68
N LEU C 141 22.48 9.69 3.31
CA LEU C 141 21.13 10.22 3.40
C LEU C 141 20.95 11.53 2.61
N VAL C 142 20.07 11.50 1.61
CA VAL C 142 19.72 12.71 0.86
C VAL C 142 18.43 13.28 1.41
N GLY C 143 18.48 14.53 1.87
CA GLY C 143 17.31 15.21 2.42
C GLY C 143 16.73 16.18 1.41
N ILE C 144 15.48 15.94 0.97
CA ILE C 144 14.90 16.63 -0.17
C ILE C 144 13.67 17.49 0.18
N ALA C 145 13.82 18.79 0.17
CA ALA C 145 12.69 19.66 0.51
C ALA C 145 12.87 21.02 -0.13
N ALA C 146 11.99 21.38 -1.04
CA ALA C 146 12.12 22.63 -1.77
C ALA C 146 12.29 23.79 -0.80
N SER C 147 11.40 23.86 0.18
CA SER C 147 11.37 24.97 1.12
C SER C 147 12.68 25.12 1.88
N GLY C 148 13.37 24.00 2.11
CA GLY C 148 14.62 24.00 2.84
C GLY C 148 14.44 23.88 4.36
N ARG C 149 13.19 23.98 4.81
CA ARG C 149 12.88 24.03 6.23
C ARG C 149 11.83 23.00 6.70
N THR C 150 11.79 21.83 6.08
CA THR C 150 10.77 20.85 6.44
C THR C 150 11.28 19.97 7.58
N PRO C 151 10.73 20.18 8.79
CA PRO C 151 11.15 19.56 10.06
C PRO C 151 11.49 18.08 9.94
N TYR C 152 10.59 17.31 9.34
CA TYR C 152 10.83 15.91 9.11
C TYR C 152 12.23 15.73 8.53
N VAL C 153 12.48 16.40 7.41
CA VAL C 153 13.72 16.23 6.66
C VAL C 153 14.92 16.79 7.43
N ILE C 154 14.70 17.86 8.18
CA ILE C 154 15.73 18.44 9.00
C ILE C 154 16.13 17.46 10.11
N ALA C 155 15.15 16.93 10.83
CA ALA C 155 15.45 15.94 11.87
C ALA C 155 16.11 14.71 11.27
N GLY C 156 15.70 14.33 10.06
CA GLY C 156 16.35 13.23 9.37
C GLY C 156 17.83 13.49 9.14
N LEU C 157 18.17 14.73 8.78
CA LEU C 157 19.57 15.11 8.54
C LEU C 157 20.37 15.09 9.83
N GLN C 158 19.82 15.71 10.87
CA GLN C 158 20.47 15.79 12.18
C GLN C 158 20.81 14.42 12.77
N TYR C 159 19.93 13.45 12.60
CA TYR C 159 20.18 12.10 13.07
C TYR C 159 21.27 11.41 12.25
N ALA C 160 21.21 11.53 10.93
CA ALA C 160 22.24 10.98 10.07
C ALA C 160 23.63 11.56 10.40
N LYS C 161 23.66 12.82 10.79
CA LYS C 161 24.91 13.46 11.16
C LYS C 161 25.44 12.84 12.46
N SER C 162 24.51 12.46 13.34
CA SER C 162 24.78 11.82 14.63
C SER C 162 25.49 10.47 14.50
N LEU C 163 25.26 9.78 13.40
CA LEU C 163 25.78 8.43 13.24
C LEU C 163 27.09 8.47 12.46
N GLY C 164 27.54 9.68 12.14
CA GLY C 164 28.71 9.88 11.30
C GLY C 164 28.48 9.58 9.82
N ALA C 165 27.27 9.81 9.33
CA ALA C 165 26.99 9.51 7.93
C ALA C 165 26.99 10.75 7.03
N LEU C 166 27.36 10.54 5.78
CA LEU C 166 27.27 11.58 4.76
C LEU C 166 25.85 12.10 4.56
N THR C 167 25.67 13.41 4.59
CA THR C 167 24.35 14.00 4.38
C THR C 167 24.30 14.99 3.20
N ILE C 168 23.27 14.86 2.37
CA ILE C 168 23.07 15.70 1.20
C ILE C 168 21.70 16.34 1.22
N SER C 169 21.65 17.67 1.15
CA SER C 169 20.35 18.32 1.08
C SER C 169 20.09 18.85 -0.33
N ILE C 170 18.80 18.98 -0.67
CA ILE C 170 18.34 19.52 -1.94
C ILE C 170 17.23 20.51 -1.63
N ALA C 171 17.50 21.80 -1.81
CA ALA C 171 16.47 22.82 -1.62
C ALA C 171 16.41 23.87 -2.75
N SER C 172 15.32 24.63 -2.77
CA SER C 172 15.15 25.66 -3.78
C SER C 172 15.36 27.05 -3.21
N ASN C 173 15.68 27.11 -1.92
CA ASN C 173 16.03 28.37 -1.27
C ASN C 173 17.49 28.38 -0.84
N PRO C 174 18.22 29.46 -1.15
CA PRO C 174 19.62 29.53 -0.73
C PRO C 174 19.73 29.72 0.80
N LYS C 175 20.81 29.18 1.37
CA LYS C 175 21.13 29.34 2.81
C LYS C 175 20.10 28.77 3.80
N SER C 176 19.58 27.58 3.52
CA SER C 176 18.61 26.95 4.42
C SER C 176 19.27 26.20 5.58
N GLU C 177 18.47 25.83 6.58
CA GLU C 177 19.01 25.08 7.70
C GLU C 177 19.34 23.66 7.27
N MET C 178 18.65 23.18 6.24
CA MET C 178 18.96 21.83 5.77
C MET C 178 20.35 21.87 5.19
N ALA C 179 20.62 22.92 4.42
CA ALA C 179 21.94 23.15 3.82
C ALA C 179 23.03 23.36 4.88
N GLU C 180 22.72 24.10 5.94
CA GLU C 180 23.64 24.29 7.07
C GLU C 180 24.05 22.95 7.64
N ILE C 181 23.04 22.16 7.99
CA ILE C 181 23.22 20.84 8.58
C ILE C 181 24.00 19.85 7.70
N ALA C 182 23.73 19.85 6.40
CA ALA C 182 24.29 18.83 5.52
C ALA C 182 25.72 19.14 5.11
N ASP C 183 26.43 18.09 4.73
CA ASP C 183 27.82 18.18 4.36
C ASP C 183 27.91 18.78 2.97
N ILE C 184 27.23 18.11 2.03
CA ILE C 184 27.09 18.60 0.66
C ILE C 184 25.74 19.29 0.50
N ALA C 185 25.76 20.56 0.10
CA ALA C 185 24.53 21.30 -0.09
C ALA C 185 24.24 21.65 -1.57
N ILE C 186 23.10 21.14 -2.06
CA ILE C 186 22.65 21.37 -3.43
C ILE C 186 21.53 22.38 -3.47
N GLU C 187 21.73 23.47 -4.20
CA GLU C 187 20.76 24.56 -4.25
C GLU C 187 20.19 24.81 -5.65
N THR C 188 19.04 24.21 -5.93
CA THR C 188 18.39 24.34 -7.21
C THR C 188 17.46 25.54 -7.14
N ILE C 189 18.00 26.72 -7.45
CA ILE C 189 17.20 27.94 -7.41
C ILE C 189 16.43 28.06 -8.72
N VAL C 190 15.10 28.04 -8.64
CA VAL C 190 14.28 27.95 -9.83
C VAL C 190 13.26 29.10 -9.93
N GLY C 191 13.34 30.06 -9.01
CA GLY C 191 12.45 31.20 -9.04
C GLY C 191 11.05 30.89 -8.53
N PRO C 192 10.23 31.94 -8.37
CA PRO C 192 8.85 31.77 -7.90
C PRO C 192 8.07 30.86 -8.84
N GLU C 193 7.21 30.01 -8.30
CA GLU C 193 6.37 29.17 -9.14
C GLU C 193 5.22 29.98 -9.76
N ILE C 194 4.71 29.49 -10.90
CA ILE C 194 3.62 30.12 -11.66
C ILE C 194 2.42 30.34 -10.75
N LEU C 195 2.11 29.31 -9.97
CA LEU C 195 1.16 29.36 -8.88
C LEU C 195 2.02 29.55 -7.65
N THR C 196 1.76 30.61 -6.89
CA THR C 196 2.62 30.94 -5.75
C THR C 196 2.73 29.81 -4.73
N GLY C 197 3.93 29.25 -4.62
CA GLY C 197 4.18 28.25 -3.61
C GLY C 197 4.01 26.83 -4.12
N SER C 198 3.62 26.71 -5.38
CA SER C 198 3.38 25.38 -5.94
C SER C 198 4.70 24.70 -6.31
N SER C 199 5.43 24.26 -5.29
CA SER C 199 6.77 23.73 -5.48
C SER C 199 6.82 22.40 -6.24
N ARG C 200 5.65 21.81 -6.49
CA ARG C 200 5.58 20.57 -7.23
C ARG C 200 5.96 20.78 -8.71
N LEU C 201 5.95 22.04 -9.16
CA LEU C 201 6.24 22.34 -10.56
C LEU C 201 7.76 22.42 -10.88
N LYS C 202 8.34 23.60 -10.83
CA LYS C 202 9.76 23.75 -11.12
C LYS C 202 10.67 23.06 -10.12
N SER C 203 10.41 23.22 -8.82
CA SER C 203 11.26 22.55 -7.83
C SER C 203 11.16 21.02 -7.93
N GLY C 204 9.98 20.50 -8.25
CA GLY C 204 9.84 19.08 -8.49
C GLY C 204 10.63 18.60 -9.69
N THR C 205 10.60 19.39 -10.78
CA THR C 205 11.36 19.11 -11.98
C THR C 205 12.87 19.11 -11.70
N ALA C 206 13.35 20.13 -11.00
CA ALA C 206 14.76 20.19 -10.64
C ALA C 206 15.17 19.03 -9.72
N GLN C 207 14.36 18.76 -8.70
CA GLN C 207 14.59 17.60 -7.85
C GLN C 207 14.70 16.29 -8.65
N LYS C 208 13.78 16.06 -9.59
CA LYS C 208 13.81 14.81 -10.38
C LYS C 208 15.08 14.68 -11.21
N MET C 209 15.51 15.78 -11.81
CA MET C 209 16.71 15.79 -12.62
C MET C 209 17.96 15.56 -11.76
N VAL C 210 17.97 16.12 -10.57
CA VAL C 210 19.08 15.89 -9.65
C VAL C 210 19.17 14.43 -9.20
N LEU C 211 18.08 13.87 -8.69
CA LEU C 211 18.01 12.46 -8.28
C LEU C 211 18.52 11.51 -9.36
N ASN C 212 18.05 11.74 -10.58
CA ASN C 212 18.44 10.98 -11.76
C ASN C 212 19.90 11.08 -12.04
N MET C 213 20.49 12.23 -11.73
CA MET C 213 21.93 12.36 -11.91
C MET C 213 22.65 11.47 -10.93
N LEU C 214 22.28 11.56 -9.66
CA LEU C 214 22.93 10.80 -8.59
C LEU C 214 22.99 9.32 -8.96
N THR C 215 21.83 8.72 -9.19
CA THR C 215 21.79 7.30 -9.49
C THR C 215 22.38 6.90 -10.83
N THR C 216 22.00 7.59 -11.90
CA THR C 216 22.55 7.26 -13.21
C THR C 216 24.05 7.47 -13.27
N ALA C 217 24.55 8.59 -12.73
CA ALA C 217 26.00 8.75 -12.64
C ALA C 217 26.66 7.67 -11.76
N SER C 218 26.08 7.40 -10.59
N SER C 218 26.07 7.40 -10.59
CA SER C 218 26.70 6.45 -9.65
CA SER C 218 26.66 6.44 -9.64
C SER C 218 26.79 5.02 -10.18
C SER C 218 26.80 5.03 -10.20
N MET C 219 25.73 4.55 -10.82
CA MET C 219 25.68 3.20 -11.37
C MET C 219 26.64 3.07 -12.56
N ILE C 220 26.89 4.17 -13.26
CA ILE C 220 27.81 4.13 -14.40
C ILE C 220 29.25 3.98 -13.91
N LEU C 221 29.60 4.76 -12.90
CA LEU C 221 30.91 4.62 -12.26
C LEU C 221 31.12 3.21 -11.71
N LEU C 222 30.05 2.60 -11.19
CA LEU C 222 30.13 1.22 -10.67
C LEU C 222 30.27 0.13 -11.75
N GLY C 223 30.26 0.54 -13.02
CA GLY C 223 30.43 -0.40 -14.11
C GLY C 223 29.17 -1.18 -14.43
N LYS C 224 28.03 -0.69 -13.94
CA LYS C 224 26.74 -1.34 -14.20
C LYS C 224 26.20 -1.02 -15.59
N CYS C 225 27.08 -0.91 -16.59
CA CYS C 225 26.71 -0.73 -17.98
C CYS C 225 27.96 -0.80 -18.87
N TYR C 226 27.77 -0.76 -20.18
CA TYR C 226 28.88 -0.85 -21.13
C TYR C 226 28.64 0.11 -22.28
N GLU C 227 29.60 1.00 -22.53
CA GLU C 227 29.36 2.15 -23.40
C GLU C 227 28.08 2.84 -22.92
N ASN C 228 27.19 3.21 -23.83
CA ASN C 228 25.91 3.79 -23.41
C ASN C 228 24.78 2.76 -23.40
N LEU C 229 25.11 1.52 -23.05
CA LEU C 229 24.15 0.44 -23.08
C LEU C 229 23.84 -0.13 -21.68
N MET C 230 22.56 -0.27 -21.37
CA MET C 230 22.16 -0.88 -20.11
C MET C 230 22.26 -2.40 -20.19
N VAL C 231 23.48 -2.90 -20.30
CA VAL C 231 23.72 -4.34 -20.46
C VAL C 231 23.27 -5.14 -19.25
N ASP C 232 23.03 -4.44 -18.14
CA ASP C 232 22.62 -5.09 -16.90
C ASP C 232 21.10 -5.04 -16.69
N VAL C 233 20.37 -4.81 -17.78
CA VAL C 233 18.92 -4.71 -17.75
C VAL C 233 18.20 -6.02 -17.38
N GLN C 234 17.14 -5.92 -16.60
CA GLN C 234 16.27 -7.06 -16.33
C GLN C 234 15.11 -7.10 -17.33
N ALA C 235 15.25 -7.90 -18.39
CA ALA C 235 14.20 -8.02 -19.39
C ALA C 235 12.96 -8.70 -18.79
N SER C 236 12.07 -7.90 -18.24
CA SER C 236 10.85 -8.39 -17.62
C SER C 236 9.63 -8.12 -18.50
N ASN C 237 9.86 -7.78 -19.76
CA ASN C 237 8.76 -7.54 -20.68
C ASN C 237 9.19 -7.61 -22.13
N GLU C 238 8.21 -7.59 -23.03
CA GLU C 238 8.49 -7.70 -24.45
C GLU C 238 9.41 -6.58 -24.96
N LYS C 239 9.28 -5.38 -24.39
CA LYS C 239 10.14 -4.26 -24.81
C LYS C 239 11.57 -4.44 -24.32
N LEU C 240 11.74 -4.82 -23.05
CA LEU C 240 13.09 -5.05 -22.52
C LEU C 240 13.68 -6.38 -23.01
N LYS C 241 12.85 -7.31 -23.43
CA LYS C 241 13.36 -8.57 -23.95
C LYS C 241 13.93 -8.40 -25.35
N ALA C 242 13.42 -7.42 -26.08
CA ALA C 242 13.93 -7.15 -27.42
C ALA C 242 15.10 -6.19 -27.37
N ARG C 243 15.09 -5.30 -26.39
CA ARG C 243 16.19 -4.36 -26.21
C ARG C 243 17.45 -5.09 -25.70
N ALA C 244 17.28 -6.22 -25.02
CA ALA C 244 18.43 -7.05 -24.66
C ALA C 244 19.09 -7.59 -25.92
N VAL C 245 18.28 -8.01 -26.89
CA VAL C 245 18.79 -8.45 -28.19
C VAL C 245 19.47 -7.31 -28.92
N ARG C 246 18.92 -6.10 -28.80
CA ARG C 246 19.53 -4.89 -29.38
C ARG C 246 20.91 -4.56 -28.79
N ILE C 247 20.99 -4.53 -27.46
CA ILE C 247 22.23 -4.27 -26.75
C ILE C 247 23.35 -5.14 -27.25
N VAL C 248 23.07 -6.43 -27.40
CA VAL C 248 24.09 -7.37 -27.83
C VAL C 248 24.50 -7.05 -29.26
N MET C 249 23.52 -6.75 -30.10
CA MET C 249 23.86 -6.35 -31.45
C MET C 249 24.66 -5.06 -31.43
N GLN C 250 24.13 -4.03 -30.76
CA GLN C 250 24.76 -2.71 -30.71
C GLN C 250 26.20 -2.75 -30.20
N ALA C 251 26.47 -3.66 -29.27
CA ALA C 251 27.80 -3.81 -28.69
C ALA C 251 28.76 -4.46 -29.67
N THR C 252 28.41 -5.67 -30.07
CA THR C 252 29.33 -6.55 -30.76
C THR C 252 29.25 -6.46 -32.27
N ASP C 253 28.44 -5.52 -32.77
CA ASP C 253 28.22 -5.35 -34.21
C ASP C 253 27.65 -6.57 -34.96
N CYS C 254 27.09 -7.53 -34.23
CA CYS C 254 26.63 -8.78 -34.84
C CYS C 254 25.16 -8.73 -35.26
N ASN C 255 24.75 -9.73 -36.04
CA ASN C 255 23.41 -9.74 -36.63
C ASN C 255 22.30 -10.18 -35.67
N LYS C 256 21.08 -10.33 -36.16
CA LYS C 256 19.96 -10.71 -35.29
C LYS C 256 20.13 -12.13 -34.75
N THR C 257 20.48 -13.07 -35.63
CA THR C 257 20.56 -14.49 -35.26
C THR C 257 21.56 -14.75 -34.14
N LEU C 258 22.85 -14.70 -34.46
CA LEU C 258 23.88 -14.66 -33.43
C LEU C 258 23.59 -13.43 -32.63
N ALA C 259 23.76 -13.51 -31.31
CA ALA C 259 23.21 -12.58 -30.30
C ALA C 259 21.94 -13.19 -29.78
N GLU C 260 20.91 -13.24 -30.61
CA GLU C 260 19.65 -13.82 -30.17
C GLU C 260 19.83 -15.29 -29.79
N GLN C 261 20.72 -16.00 -30.46
CA GLN C 261 21.01 -17.38 -30.05
C GLN C 261 22.02 -17.40 -28.91
N THR C 262 22.99 -16.51 -28.99
CA THR C 262 23.95 -16.33 -27.92
C THR C 262 23.26 -15.86 -26.63
N LEU C 263 22.26 -14.99 -26.76
CA LEU C 263 21.46 -14.55 -25.62
C LEU C 263 20.68 -15.72 -25.02
N LEU C 264 20.18 -16.60 -25.89
CA LEU C 264 19.47 -17.79 -25.43
C LEU C 264 20.38 -18.67 -24.58
N GLU C 265 21.58 -18.94 -25.09
CA GLU C 265 22.52 -19.79 -24.37
C GLU C 265 23.04 -19.14 -23.09
N ALA C 266 22.97 -17.81 -23.03
CA ALA C 266 23.52 -17.05 -21.92
C ALA C 266 22.51 -16.82 -20.80
N ASP C 267 21.32 -17.39 -20.96
CA ASP C 267 20.22 -17.26 -20.01
C ASP C 267 19.83 -15.80 -19.90
N GLN C 268 19.87 -15.12 -21.03
CA GLN C 268 19.44 -13.73 -21.18
C GLN C 268 20.22 -12.64 -20.41
N ASN C 269 21.45 -12.94 -19.98
CA ASN C 269 22.31 -11.88 -19.48
C ASN C 269 23.06 -11.24 -20.63
N ALA C 270 22.71 -9.99 -20.96
CA ALA C 270 23.26 -9.35 -22.14
C ALA C 270 24.77 -9.14 -22.00
N LYS C 271 25.21 -8.91 -20.77
CA LYS C 271 26.63 -8.70 -20.46
C LYS C 271 27.44 -9.98 -20.71
N LEU C 272 26.80 -11.12 -20.51
CA LEU C 272 27.44 -12.41 -20.71
C LEU C 272 27.40 -12.83 -22.18
N ALA C 273 26.32 -12.45 -22.87
CA ALA C 273 26.17 -12.73 -24.30
C ALA C 273 27.22 -11.96 -25.10
N ILE C 274 27.32 -10.67 -24.82
CA ILE C 274 28.36 -9.83 -25.41
C ILE C 274 29.76 -10.38 -25.09
N MET C 275 30.01 -10.72 -23.83
CA MET C 275 31.28 -11.29 -23.43
C MET C 275 31.64 -12.52 -24.28
N MET C 276 30.68 -13.40 -24.47
CA MET C 276 30.88 -14.58 -25.31
C MET C 276 31.17 -14.22 -26.76
N ILE C 277 30.35 -13.35 -27.34
CA ILE C 277 30.54 -12.99 -28.74
C ILE C 277 31.90 -12.31 -28.95
N LEU C 278 32.24 -11.38 -28.06
CA LEU C 278 33.52 -10.65 -28.15
C LEU C 278 34.77 -11.50 -27.89
N SER C 279 34.64 -12.50 -27.04
CA SER C 279 35.77 -13.39 -26.74
C SER C 279 35.84 -14.60 -27.67
N THR C 280 34.67 -15.17 -27.99
CA THR C 280 34.50 -16.48 -28.65
C THR C 280 34.80 -17.64 -27.69
N LEU C 281 34.12 -17.68 -26.54
CA LEU C 281 34.55 -18.55 -25.45
C LEU C 281 33.50 -19.51 -24.87
N SER C 282 32.39 -18.97 -24.40
CA SER C 282 31.44 -19.69 -23.52
C SER C 282 32.18 -20.21 -22.30
N LYS C 283 31.98 -19.49 -21.19
CA LYS C 283 32.78 -19.61 -19.95
C LYS C 283 34.25 -19.09 -20.02
N SER C 284 34.54 -17.77 -20.04
CA SER C 284 33.67 -16.57 -20.15
C SER C 284 33.09 -15.92 -18.90
N GLU C 285 31.93 -16.38 -18.42
CA GLU C 285 31.30 -15.77 -17.26
C GLU C 285 31.96 -16.29 -15.99
N ALA C 286 31.87 -17.61 -15.84
CA ALA C 286 32.88 -18.41 -15.19
C ALA C 286 33.43 -19.10 -16.42
N LYS C 287 34.53 -18.63 -17.03
CA LYS C 287 35.58 -17.72 -16.50
C LYS C 287 36.46 -18.32 -15.42
N VAL C 288 37.77 -18.01 -15.39
CA VAL C 288 38.58 -17.19 -16.35
C VAL C 288 37.97 -16.04 -17.23
N LEU C 289 37.69 -14.89 -16.58
CA LEU C 289 37.27 -13.59 -17.17
C LEU C 289 36.20 -12.78 -16.41
N LEU C 290 34.91 -12.97 -16.72
CA LEU C 290 33.90 -12.15 -16.05
C LEU C 290 33.90 -12.46 -14.56
N GLU C 291 34.22 -13.71 -14.24
CA GLU C 291 34.61 -14.05 -12.88
C GLU C 291 36.12 -14.31 -12.83
N ARG C 292 36.87 -13.34 -12.30
CA ARG C 292 36.28 -12.09 -11.88
C ARG C 292 37.07 -10.91 -12.39
N HIS C 293 36.34 -9.89 -12.78
CA HIS C 293 36.87 -8.57 -13.00
C HIS C 293 35.72 -7.71 -12.52
N GLN C 294 35.22 -8.08 -11.35
CA GLN C 294 34.06 -7.45 -10.71
C GLN C 294 32.80 -7.55 -11.56
N GLY C 295 32.87 -8.30 -12.65
CA GLY C 295 31.78 -8.34 -13.61
C GLY C 295 31.80 -7.14 -14.54
N LYS C 296 32.85 -6.34 -14.43
CA LYS C 296 33.04 -5.20 -15.31
C LYS C 296 33.43 -5.71 -16.68
N LEU C 297 32.58 -5.42 -17.67
CA LEU C 297 32.77 -5.97 -19.01
C LEU C 297 34.05 -5.48 -19.67
N ARG C 298 34.41 -4.21 -19.45
CA ARG C 298 35.62 -3.67 -20.08
C ARG C 298 36.94 -4.20 -19.50
N ASN C 299 36.97 -4.45 -18.19
CA ASN C 299 38.14 -5.04 -17.56
C ASN C 299 38.24 -6.51 -17.91
N ALA C 300 37.11 -7.12 -18.21
CA ALA C 300 37.11 -8.48 -18.75
C ALA C 300 37.78 -8.57 -20.13
N LEU C 301 38.05 -7.43 -20.76
CA LEU C 301 38.82 -7.44 -22.01
C LEU C 301 39.64 -6.18 -22.24
N ILE D 5 4.19 -35.98 -7.84
CA ILE D 5 5.21 -34.98 -7.53
C ILE D 5 5.23 -34.62 -6.03
N LEU D 6 4.39 -33.67 -5.63
CA LEU D 6 4.41 -33.15 -4.25
C LEU D 6 3.22 -33.62 -3.40
N LYS D 7 2.73 -34.82 -3.68
CA LYS D 7 1.59 -35.37 -2.94
C LYS D 7 1.84 -36.82 -2.53
N SER D 8 2.09 -37.13 -1.26
CA SER D 8 2.29 -36.22 -0.11
C SER D 8 1.08 -35.53 0.54
N LEU D 9 0.13 -35.05 -0.28
CA LEU D 9 -1.06 -34.37 0.23
C LEU D 9 -2.02 -35.33 0.96
N SER D 10 -2.04 -36.58 0.50
CA SER D 10 -2.87 -37.65 1.07
C SER D 10 -2.59 -37.84 2.56
N THR D 11 -1.32 -37.65 2.91
CA THR D 11 -0.87 -37.72 4.29
C THR D 11 -1.60 -36.69 5.17
N LEU D 12 -1.41 -35.41 4.86
CA LEU D 12 -1.90 -34.29 5.69
C LEU D 12 -3.40 -34.24 6.00
N ILE D 13 -3.73 -33.78 7.21
CA ILE D 13 -5.11 -33.56 7.61
C ILE D 13 -5.71 -32.36 6.86
N THR D 14 -4.96 -31.27 6.80
CA THR D 14 -5.40 -30.07 6.10
C THR D 14 -5.85 -30.33 4.66
N GLU D 15 -5.48 -31.47 4.11
CA GLU D 15 -5.84 -31.79 2.75
C GLU D 15 -6.90 -32.87 2.68
N GLN D 16 -7.36 -33.34 3.84
CA GLN D 16 -8.34 -34.42 3.88
C GLN D 16 -9.76 -33.94 3.68
N ARG D 17 -10.64 -34.89 3.37
CA ARG D 17 -12.05 -34.57 3.19
C ARG D 17 -12.82 -34.68 4.52
N ASN D 18 -13.85 -33.87 4.69
CA ASN D 18 -14.64 -33.84 5.92
C ASN D 18 -15.96 -34.57 5.72
N PRO D 19 -16.05 -35.81 6.21
CA PRO D 19 -17.20 -36.70 6.04
C PRO D 19 -18.51 -35.99 6.39
N ASN D 20 -18.46 -35.07 7.34
CA ASN D 20 -19.65 -34.32 7.73
C ASN D 20 -20.08 -33.27 6.70
N SER D 21 -19.40 -33.19 5.56
CA SER D 21 -19.78 -32.21 4.53
C SER D 21 -19.68 -32.73 3.10
N VAL D 22 -19.93 -34.01 2.89
CA VAL D 22 -19.86 -34.55 1.54
C VAL D 22 -20.95 -33.99 0.63
N ASP D 23 -22.17 -33.87 1.16
CA ASP D 23 -23.25 -33.32 0.34
C ASP D 23 -23.57 -31.86 0.72
N ILE D 24 -22.53 -31.11 1.09
CA ILE D 24 -22.70 -29.75 1.54
C ILE D 24 -23.34 -28.83 0.48
N ASP D 25 -23.06 -29.08 -0.80
CA ASP D 25 -23.63 -28.29 -1.88
C ASP D 25 -25.09 -28.62 -2.19
N ARG D 26 -25.52 -29.80 -1.75
CA ARG D 26 -26.93 -30.20 -1.81
C ARG D 26 -27.61 -30.09 -0.44
N GLN D 27 -27.28 -29.03 0.31
CA GLN D 27 -27.82 -28.83 1.65
C GLN D 27 -28.49 -27.47 1.80
N SER D 28 -29.38 -27.36 2.78
CA SER D 28 -30.06 -26.11 3.09
C SER D 28 -29.03 -25.03 3.43
N THR D 29 -29.40 -23.76 3.25
CA THR D 29 -28.51 -22.66 3.61
C THR D 29 -28.34 -22.55 5.13
N LEU D 30 -29.42 -22.83 5.88
CA LEU D 30 -29.28 -22.91 7.33
C LEU D 30 -28.37 -24.07 7.72
N GLU D 31 -28.45 -25.15 6.94
CA GLU D 31 -27.66 -26.35 7.18
C GLU D 31 -26.15 -26.18 6.93
N ILE D 32 -25.80 -25.32 5.99
CA ILE D 32 -24.38 -25.08 5.67
C ILE D 32 -23.69 -24.26 6.77
N VAL D 33 -24.23 -23.10 7.09
CA VAL D 33 -23.68 -22.28 8.16
C VAL D 33 -23.72 -22.99 9.52
N ARG D 34 -24.65 -23.91 9.71
CA ARG D 34 -24.69 -24.67 10.96
C ARG D 34 -23.60 -25.71 10.98
N LEU D 35 -23.28 -26.27 9.81
CA LEU D 35 -22.14 -27.16 9.69
C LEU D 35 -20.88 -26.41 10.13
N MET D 36 -20.66 -25.26 9.50
CA MET D 36 -19.53 -24.40 9.80
C MET D 36 -19.41 -24.08 11.27
N ASN D 37 -20.50 -23.62 11.87
CA ASN D 37 -20.55 -23.31 13.30
C ASN D 37 -20.09 -24.50 14.13
N GLU D 38 -20.57 -25.70 13.78
CA GLU D 38 -20.19 -26.92 14.49
C GLU D 38 -18.70 -27.15 14.42
N GLU D 39 -18.13 -26.97 13.24
CA GLU D 39 -16.70 -27.15 13.14
C GLU D 39 -15.94 -26.05 13.89
N ASP D 40 -16.46 -24.83 13.90
CA ASP D 40 -15.80 -23.73 14.60
C ASP D 40 -15.68 -24.05 16.08
N LYS D 41 -16.69 -24.76 16.61
CA LYS D 41 -16.71 -25.16 18.01
C LYS D 41 -15.47 -25.98 18.37
N LEU D 42 -14.98 -26.76 17.41
CA LEU D 42 -13.81 -27.61 17.63
C LEU D 42 -12.52 -26.82 17.76
N VAL D 43 -12.52 -25.57 17.33
CA VAL D 43 -11.27 -24.82 17.27
C VAL D 43 -10.70 -24.42 18.64
N PRO D 44 -11.53 -23.87 19.55
CA PRO D 44 -10.94 -23.56 20.85
C PRO D 44 -10.40 -24.80 21.57
N LEU D 45 -11.08 -25.93 21.45
CA LEU D 45 -10.59 -27.19 22.00
C LEU D 45 -9.23 -27.60 21.46
N ALA D 46 -8.96 -27.27 20.20
CA ALA D 46 -7.67 -27.59 19.60
C ALA D 46 -6.59 -26.74 20.26
N ILE D 47 -6.92 -25.47 20.48
CA ILE D 47 -6.02 -24.53 21.13
C ILE D 47 -5.69 -24.98 22.54
N GLU D 48 -6.67 -25.56 23.21
CA GLU D 48 -6.50 -26.09 24.56
C GLU D 48 -5.33 -27.09 24.71
N SER D 49 -5.09 -27.88 23.67
CA SER D 49 -3.97 -28.83 23.66
C SER D 49 -2.62 -28.15 23.36
N CYS D 50 -2.65 -26.89 22.96
CA CYS D 50 -1.43 -26.20 22.64
C CYS D 50 -1.06 -25.24 23.78
N LEU D 51 -1.90 -25.20 24.80
CA LEU D 51 -1.69 -24.30 25.95
C LEU D 51 -0.30 -24.38 26.63
N PRO D 52 0.27 -25.60 26.79
CA PRO D 52 1.62 -25.61 27.38
C PRO D 52 2.69 -25.11 26.42
N GLN D 53 2.67 -25.50 25.14
CA GLN D 53 3.64 -24.99 24.15
C GLN D 53 3.42 -23.50 23.91
N ILE D 54 2.19 -23.06 24.02
CA ILE D 54 1.90 -21.65 23.79
C ILE D 54 2.45 -20.79 24.92
N SER D 55 2.22 -21.20 26.16
CA SER D 55 2.82 -20.51 27.31
C SER D 55 4.34 -20.55 27.27
N LEU D 56 4.90 -21.67 26.79
CA LEU D 56 6.34 -21.79 26.60
C LEU D 56 6.80 -20.67 25.67
N ALA D 57 6.09 -20.48 24.57
CA ALA D 57 6.47 -19.47 23.61
C ALA D 57 6.33 -18.06 24.17
N VAL D 58 5.32 -17.83 25.00
CA VAL D 58 5.09 -16.48 25.52
C VAL D 58 6.27 -16.04 26.35
N GLU D 59 6.63 -16.87 27.34
CA GLU D 59 7.78 -16.60 28.19
C GLU D 59 9.01 -16.25 27.40
N GLN D 60 9.33 -17.08 26.41
CA GLN D 60 10.49 -16.87 25.56
C GLN D 60 10.45 -15.52 24.87
N ILE D 61 9.26 -15.10 24.49
CA ILE D 61 9.05 -13.85 23.78
C ILE D 61 9.11 -12.64 24.71
N VAL D 62 8.64 -12.81 25.95
CA VAL D 62 8.80 -11.79 26.99
C VAL D 62 10.28 -11.45 27.23
N GLN D 63 11.13 -12.44 26.99
CA GLN D 63 12.57 -12.30 27.22
C GLN D 63 13.29 -11.58 26.08
N ALA D 64 13.02 -11.99 24.85
CA ALA D 64 13.60 -11.29 23.71
C ALA D 64 13.16 -9.84 23.74
N PHE D 65 11.91 -9.59 24.10
CA PHE D 65 11.40 -8.23 24.28
C PHE D 65 12.22 -7.47 25.33
N GLN D 66 12.49 -8.13 26.46
CA GLN D 66 13.26 -7.55 27.56
C GLN D 66 14.74 -7.42 27.20
N GLN D 67 15.15 -8.15 26.17
CA GLN D 67 16.51 -8.05 25.64
C GLN D 67 16.55 -7.15 24.43
N GLY D 68 15.48 -6.40 24.21
CA GLY D 68 15.39 -5.52 23.06
C GLY D 68 15.19 -6.21 21.72
N GLY D 69 14.70 -7.46 21.75
CA GLY D 69 14.40 -8.19 20.52
C GLY D 69 13.00 -7.89 20.04
N ARG D 70 12.67 -8.36 18.84
CA ARG D 70 11.38 -8.09 18.24
C ARG D 70 10.64 -9.40 18.00
N LEU D 71 9.31 -9.35 18.04
CA LEU D 71 8.49 -10.48 17.60
C LEU D 71 8.23 -10.33 16.11
N ILE D 72 8.57 -11.36 15.34
CA ILE D 72 8.45 -11.29 13.90
C ILE D 72 7.72 -12.51 13.32
N TYR D 73 6.57 -12.25 12.70
CA TYR D 73 5.72 -13.26 12.06
C TYR D 73 5.95 -13.37 10.54
N ILE D 74 5.93 -14.59 10.01
CA ILE D 74 6.00 -14.80 8.55
C ILE D 74 5.02 -15.87 8.09
N GLY D 75 4.55 -15.70 6.85
CA GLY D 75 3.65 -16.62 6.18
C GLY D 75 3.23 -16.03 4.83
N ALA D 76 2.67 -16.87 3.97
CA ALA D 76 2.06 -16.41 2.74
C ALA D 76 0.54 -16.54 2.88
N GLY D 77 -0.18 -15.94 1.93
CA GLY D 77 -1.64 -16.02 1.93
C GLY D 77 -2.30 -15.62 3.23
N THR D 78 -3.26 -16.42 3.67
CA THR D 78 -4.04 -16.15 4.87
C THR D 78 -3.22 -16.08 6.16
N SER D 79 -2.28 -17.00 6.34
CA SER D 79 -1.36 -16.92 7.46
C SER D 79 -0.59 -15.58 7.48
N GLY D 80 -0.04 -15.15 6.34
CA GLY D 80 0.61 -13.85 6.24
C GLY D 80 -0.26 -12.67 6.67
N ARG D 81 -1.45 -12.56 6.08
CA ARG D 81 -2.35 -11.44 6.39
C ARG D 81 -2.74 -11.42 7.88
N LEU D 82 -2.89 -12.60 8.49
CA LEU D 82 -3.18 -12.71 9.93
C LEU D 82 -2.03 -12.18 10.78
N GLY D 83 -0.81 -12.41 10.31
CA GLY D 83 0.39 -11.86 10.93
C GLY D 83 0.46 -10.33 10.89
N VAL D 84 0.16 -9.75 9.73
CA VAL D 84 0.00 -8.30 9.60
C VAL D 84 -1.11 -7.77 10.50
N LEU D 85 -2.22 -8.50 10.53
CA LEU D 85 -3.34 -8.19 11.40
C LEU D 85 -2.96 -8.10 12.89
N ASP D 86 -2.43 -9.19 13.45
CA ASP D 86 -1.97 -9.18 14.84
C ASP D 86 -1.02 -8.02 15.21
N ALA D 87 0.08 -7.89 14.47
CA ALA D 87 1.05 -6.80 14.66
C ALA D 87 0.48 -5.38 14.61
N SER D 88 -0.48 -5.15 13.72
CA SER D 88 -1.06 -3.82 13.51
C SER D 88 -1.82 -3.24 14.72
N GLU D 89 -2.22 -4.11 15.65
CA GLU D 89 -3.04 -3.71 16.80
C GLU D 89 -2.21 -3.49 18.09
N CYS D 90 -0.97 -3.99 18.08
CA CYS D 90 -0.07 -3.82 19.23
C CYS D 90 0.29 -2.37 19.56
N PRO D 91 0.75 -1.59 18.56
CA PRO D 91 0.90 -0.15 18.85
C PRO D 91 -0.36 0.55 19.40
N PRO D 92 -1.54 0.41 18.74
CA PRO D 92 -2.62 1.21 19.33
C PRO D 92 -3.15 0.66 20.67
N THR D 93 -3.11 -0.66 20.88
CA THR D 93 -3.57 -1.25 22.15
C THR D 93 -2.60 -1.09 23.33
N PHE D 94 -1.36 -1.55 23.15
CA PHE D 94 -0.38 -1.61 24.22
C PHE D 94 0.66 -0.49 24.20
N GLY D 95 0.50 0.47 23.30
CA GLY D 95 1.34 1.64 23.29
C GLY D 95 2.81 1.38 22.96
N VAL D 96 3.13 0.22 22.41
CA VAL D 96 4.52 -0.05 22.04
C VAL D 96 4.88 0.45 20.64
N SER D 97 6.14 0.22 20.24
CA SER D 97 6.67 0.69 18.97
C SER D 97 6.16 -0.17 17.82
N THR D 98 6.06 0.43 16.63
CA THR D 98 5.68 -0.31 15.42
C THR D 98 6.72 -1.37 15.04
N GLU D 99 7.85 -1.37 15.72
CA GLU D 99 8.92 -2.30 15.41
C GLU D 99 8.92 -3.52 16.33
N MET D 100 8.31 -3.38 17.50
CA MET D 100 8.30 -4.45 18.51
C MET D 100 7.64 -5.71 17.99
N VAL D 101 6.65 -5.53 17.12
CA VAL D 101 5.97 -6.64 16.47
C VAL D 101 5.79 -6.32 14.98
N LYS D 102 6.29 -7.18 14.11
CA LYS D 102 6.20 -6.93 12.68
C LYS D 102 5.66 -8.14 11.93
N GLY D 103 4.63 -7.95 11.12
CA GLY D 103 4.17 -8.98 10.23
C GLY D 103 4.76 -8.84 8.83
N ILE D 104 5.27 -9.95 8.30
CA ILE D 104 5.89 -9.96 7.00
C ILE D 104 5.22 -11.00 6.13
N ILE D 105 4.70 -10.59 4.98
CA ILE D 105 3.98 -11.54 4.16
C ILE D 105 4.71 -11.84 2.85
N ALA D 106 4.68 -13.10 2.44
CA ALA D 106 5.36 -13.51 1.23
C ALA D 106 4.70 -12.80 0.07
N GLY D 107 5.48 -12.42 -0.93
CA GLY D 107 4.98 -11.60 -2.02
C GLY D 107 5.12 -10.13 -1.69
N GLY D 108 4.94 -9.80 -0.43
CA GLY D 108 5.19 -8.46 0.07
C GLY D 108 4.17 -7.41 -0.30
N GLU D 109 3.33 -7.02 0.65
CA GLU D 109 2.47 -5.83 0.50
C GLU D 109 1.52 -5.83 -0.69
N CYS D 110 2.00 -6.38 -1.80
CA CYS D 110 1.21 -6.64 -2.98
C CYS D 110 0.39 -7.89 -2.70
N ALA D 111 0.75 -8.59 -1.62
CA ALA D 111 0.09 -9.84 -1.26
C ALA D 111 -0.98 -9.58 -0.21
N ILE D 112 -1.02 -8.36 0.27
CA ILE D 112 -1.93 -8.01 1.34
C ILE D 112 -3.40 -8.12 0.89
N ARG D 113 -3.68 -7.80 -0.37
CA ARG D 113 -5.05 -7.89 -0.88
C ARG D 113 -5.31 -9.08 -1.82
N HIS D 114 -4.26 -9.62 -2.43
CA HIS D 114 -4.46 -10.73 -3.35
C HIS D 114 -3.24 -11.62 -3.41
N PRO D 115 -3.43 -12.89 -3.79
CA PRO D 115 -2.34 -13.84 -3.96
C PRO D 115 -1.27 -13.35 -4.92
N VAL D 116 -0.14 -14.06 -4.97
CA VAL D 116 1.00 -13.73 -5.83
C VAL D 116 1.72 -15.00 -6.28
N GLU D 117 1.70 -15.25 -7.58
CA GLU D 117 2.15 -16.52 -8.16
C GLU D 117 3.38 -17.12 -7.50
N GLY D 118 3.14 -18.13 -6.67
CA GLY D 118 4.19 -18.97 -6.13
C GLY D 118 5.09 -18.35 -5.09
N ALA D 119 4.64 -17.25 -4.49
CA ALA D 119 5.40 -16.56 -3.45
C ALA D 119 5.68 -17.45 -2.24
N GLU D 120 4.79 -18.40 -1.97
CA GLU D 120 5.00 -19.27 -0.82
C GLU D 120 6.08 -20.33 -1.09
N ASP D 121 6.50 -20.43 -2.34
CA ASP D 121 7.47 -21.44 -2.76
C ASP D 121 8.89 -20.89 -2.96
N ASN D 122 9.10 -19.66 -2.48
CA ASN D 122 10.33 -18.91 -2.73
C ASN D 122 11.38 -19.10 -1.63
N THR D 123 12.47 -19.82 -1.94
CA THR D 123 13.56 -20.00 -0.96
C THR D 123 14.28 -18.68 -0.73
N LYS D 124 14.67 -18.01 -1.80
CA LYS D 124 15.11 -16.63 -1.70
C LYS D 124 13.91 -15.78 -1.30
N ALA D 125 14.05 -14.46 -1.37
CA ALA D 125 13.00 -13.56 -0.92
C ALA D 125 12.79 -13.61 0.60
N VAL D 126 12.44 -14.78 1.15
CA VAL D 126 12.37 -14.92 2.60
C VAL D 126 13.70 -14.53 3.19
N LEU D 127 14.77 -14.77 2.44
CA LEU D 127 16.07 -14.25 2.79
C LEU D 127 16.06 -12.74 2.68
N ASN D 128 15.63 -12.24 1.53
CA ASN D 128 15.62 -10.80 1.29
C ASN D 128 14.78 -10.07 2.33
N ASP D 129 13.53 -10.51 2.46
CA ASP D 129 12.57 -9.89 3.35
C ASP D 129 13.10 -9.88 4.79
N LEU D 130 13.73 -10.98 5.22
CA LEU D 130 14.28 -11.08 6.58
C LEU D 130 15.62 -10.37 6.74
N GLN D 131 16.07 -9.65 5.70
CA GLN D 131 17.28 -8.88 5.82
C GLN D 131 17.02 -7.40 5.70
N SER D 132 15.96 -7.05 4.98
CA SER D 132 15.53 -5.66 4.89
C SER D 132 15.16 -5.14 6.27
N ILE D 133 14.76 -6.06 7.14
CA ILE D 133 14.41 -5.71 8.51
C ILE D 133 15.49 -6.12 9.48
N HIS D 134 16.61 -6.58 8.93
CA HIS D 134 17.81 -6.87 9.72
C HIS D 134 17.52 -7.79 10.92
N PHE D 135 16.86 -8.90 10.62
CA PHE D 135 16.51 -9.89 11.63
C PHE D 135 17.76 -10.48 12.25
N SER D 136 17.94 -10.26 13.55
CA SER D 136 19.13 -10.71 14.26
C SER D 136 18.83 -11.93 15.14
N LYS D 137 19.84 -12.39 15.89
CA LYS D 137 19.65 -13.54 16.79
C LYS D 137 18.80 -13.19 18.01
N ASN D 138 18.70 -11.90 18.31
CA ASN D 138 17.92 -11.43 19.45
C ASN D 138 16.41 -11.42 19.15
N ASP D 139 16.10 -11.47 17.86
CA ASP D 139 14.74 -11.42 17.36
C ASP D 139 14.11 -12.82 17.40
N VAL D 140 12.78 -12.88 17.53
CA VAL D 140 12.05 -14.16 17.50
C VAL D 140 11.26 -14.36 16.21
N LEU D 141 11.43 -15.51 15.57
CA LEU D 141 10.70 -15.78 14.34
C LEU D 141 9.60 -16.81 14.51
N VAL D 142 8.38 -16.40 14.17
CA VAL D 142 7.21 -17.29 14.18
C VAL D 142 6.79 -17.63 12.76
N GLY D 143 7.01 -18.88 12.38
CA GLY D 143 6.55 -19.37 11.08
C GLY D 143 5.14 -19.92 11.08
N ILE D 144 4.27 -19.34 10.25
CA ILE D 144 2.88 -19.75 10.19
C ILE D 144 2.49 -20.37 8.85
N ALA D 145 2.07 -21.63 8.90
CA ALA D 145 1.56 -22.32 7.71
C ALA D 145 0.80 -23.55 8.19
N ALA D 146 -0.49 -23.62 7.84
CA ALA D 146 -1.32 -24.74 8.29
C ALA D 146 -0.78 -26.10 7.82
N SER D 147 -0.25 -26.12 6.61
CA SER D 147 0.24 -27.36 5.98
C SER D 147 1.46 -27.92 6.69
N GLY D 148 2.32 -27.03 7.17
CA GLY D 148 3.50 -27.43 7.89
C GLY D 148 4.69 -27.64 6.98
N ARG D 149 4.54 -27.29 5.71
CA ARG D 149 5.53 -27.64 4.71
C ARG D 149 5.76 -26.58 3.63
N THR D 150 5.20 -25.39 3.84
CA THR D 150 5.41 -24.26 2.94
C THR D 150 6.89 -23.88 2.83
N PRO D 151 7.42 -23.80 1.61
CA PRO D 151 8.85 -23.51 1.37
C PRO D 151 9.33 -22.19 1.99
N TYR D 152 8.63 -21.10 1.69
CA TYR D 152 8.96 -19.76 2.21
C TYR D 152 9.18 -19.81 3.72
N VAL D 153 8.23 -20.40 4.44
CA VAL D 153 8.27 -20.43 5.89
C VAL D 153 9.41 -21.32 6.45
N ILE D 154 9.60 -22.50 5.85
CA ILE D 154 10.68 -23.40 6.23
C ILE D 154 12.03 -22.74 6.02
N ALA D 155 12.23 -22.18 4.84
CA ALA D 155 13.45 -21.46 4.52
C ALA D 155 13.68 -20.36 5.54
N GLY D 156 12.60 -19.65 5.86
CA GLY D 156 12.65 -18.57 6.83
C GLY D 156 13.06 -19.08 8.19
N LEU D 157 12.50 -20.22 8.59
CA LEU D 157 12.84 -20.81 9.88
C LEU D 157 14.28 -21.33 9.93
N GLN D 158 14.75 -21.88 8.83
CA GLN D 158 16.11 -22.40 8.74
C GLN D 158 17.12 -21.28 8.90
N TYR D 159 16.81 -20.14 8.30
CA TYR D 159 17.72 -19.02 8.32
C TYR D 159 17.79 -18.40 9.70
N ALA D 160 16.65 -18.40 10.39
CA ALA D 160 16.60 -17.93 11.77
C ALA D 160 17.28 -18.89 12.74
N LYS D 161 17.12 -20.20 12.53
CA LYS D 161 17.82 -21.17 13.38
C LYS D 161 19.30 -21.03 13.12
N SER D 162 19.75 -21.40 11.92
CA SER D 162 21.15 -21.20 11.57
C SER D 162 21.48 -19.71 11.60
N LEU D 163 21.51 -19.20 12.84
CA LEU D 163 21.64 -17.79 13.19
C LEU D 163 21.46 -17.68 14.71
N GLY D 164 20.67 -18.59 15.29
CA GLY D 164 20.57 -18.68 16.74
C GLY D 164 19.38 -17.95 17.36
N ALA D 165 18.49 -17.46 16.52
CA ALA D 165 17.26 -16.84 17.02
C ALA D 165 16.27 -17.90 17.45
N LEU D 166 15.40 -17.54 18.38
CA LEU D 166 14.31 -18.41 18.78
C LEU D 166 13.31 -18.60 17.64
N THR D 167 12.82 -19.83 17.46
CA THR D 167 11.91 -20.15 16.37
C THR D 167 10.66 -20.86 16.87
N ILE D 168 9.51 -20.44 16.35
CA ILE D 168 8.23 -21.02 16.70
C ILE D 168 7.48 -21.39 15.44
N SER D 169 6.96 -22.60 15.39
CA SER D 169 6.14 -22.99 14.26
C SER D 169 4.67 -23.21 14.66
N ILE D 170 3.77 -22.52 13.97
CA ILE D 170 2.34 -22.80 14.08
C ILE D 170 1.88 -23.47 12.80
N ALA D 171 1.34 -24.68 12.97
CA ALA D 171 0.87 -25.49 11.85
C ALA D 171 -0.27 -26.41 12.30
N SER D 172 -0.90 -27.10 11.36
CA SER D 172 -2.09 -27.87 11.67
C SER D 172 -1.89 -29.36 11.36
N ASN D 173 -0.71 -29.71 10.88
CA ASN D 173 -0.36 -31.11 10.67
C ASN D 173 0.75 -31.55 11.61
N PRO D 174 0.56 -32.72 12.27
CA PRO D 174 1.51 -33.31 13.20
C PRO D 174 2.84 -33.64 12.55
N LYS D 175 3.93 -33.42 13.27
CA LYS D 175 5.25 -33.84 12.82
C LYS D 175 5.60 -33.19 11.49
N SER D 176 5.37 -31.88 11.41
CA SER D 176 5.65 -31.14 10.20
C SER D 176 7.12 -30.71 10.16
N GLU D 177 7.67 -30.61 8.96
CA GLU D 177 9.07 -30.22 8.76
C GLU D 177 9.37 -28.93 9.52
N MET D 178 8.51 -27.93 9.33
CA MET D 178 8.53 -26.70 10.13
C MET D 178 8.58 -26.99 11.63
N ALA D 179 7.82 -27.98 12.09
CA ALA D 179 7.74 -28.26 13.53
C ALA D 179 9.05 -28.85 14.03
N GLU D 180 9.76 -29.51 13.12
CA GLU D 180 10.99 -30.18 13.47
C GLU D 180 12.14 -29.18 13.46
N ILE D 181 12.23 -28.38 12.40
CA ILE D 181 13.19 -27.29 12.32
C ILE D 181 13.11 -26.38 13.56
N ALA D 182 11.92 -26.25 14.13
CA ALA D 182 11.67 -25.32 15.23
C ALA D 182 11.96 -25.81 16.66
N ASP D 183 12.13 -24.84 17.56
CA ASP D 183 12.37 -25.07 18.96
C ASP D 183 11.04 -25.37 19.63
N ILE D 184 10.13 -24.40 19.59
CA ILE D 184 8.76 -24.57 20.06
C ILE D 184 7.85 -24.82 18.88
N ALA D 185 7.23 -25.99 18.81
CA ALA D 185 6.25 -26.24 17.76
C ALA D 185 4.87 -26.17 18.38
N ILE D 186 4.08 -25.22 17.93
CA ILE D 186 2.67 -25.18 18.29
C ILE D 186 1.89 -25.85 17.17
N GLU D 187 1.08 -26.83 17.53
CA GLU D 187 0.40 -27.62 16.53
C GLU D 187 -1.12 -27.64 16.72
N THR D 188 -1.80 -26.79 15.94
CA THR D 188 -3.23 -26.61 16.09
C THR D 188 -3.99 -27.59 15.21
N ILE D 189 -4.24 -28.78 15.74
CA ILE D 189 -4.92 -29.80 14.95
C ILE D 189 -6.43 -29.56 14.96
N VAL D 190 -6.95 -29.13 13.81
CA VAL D 190 -8.31 -28.62 13.72
C VAL D 190 -9.17 -29.49 12.84
N GLY D 191 -8.59 -30.56 12.32
CA GLY D 191 -9.36 -31.51 11.51
C GLY D 191 -9.68 -30.96 10.14
N PRO D 192 -10.27 -31.80 9.27
CA PRO D 192 -10.59 -31.43 7.89
C PRO D 192 -11.41 -30.16 7.82
N GLU D 193 -11.20 -29.32 6.81
CA GLU D 193 -12.02 -28.13 6.63
C GLU D 193 -13.26 -28.51 5.81
N ILE D 194 -14.41 -27.87 6.06
CA ILE D 194 -15.65 -28.24 5.37
C ILE D 194 -15.46 -28.20 3.87
N LEU D 195 -14.73 -27.19 3.41
CA LEU D 195 -14.31 -27.15 2.03
C LEU D 195 -12.88 -27.68 2.02
N THR D 196 -12.69 -28.77 1.29
CA THR D 196 -11.44 -29.52 1.36
C THR D 196 -10.24 -28.65 1.01
N GLY D 197 -9.49 -28.28 2.03
CA GLY D 197 -8.26 -27.54 1.83
C GLY D 197 -8.40 -26.06 2.08
N SER D 198 -9.61 -25.59 2.35
CA SER D 198 -9.82 -24.18 2.64
C SER D 198 -9.41 -23.88 4.09
N SER D 199 -8.11 -23.89 4.32
CA SER D 199 -7.56 -23.68 5.66
C SER D 199 -7.72 -22.23 6.14
N ARG D 200 -8.23 -21.36 5.27
CA ARG D 200 -8.57 -19.99 5.68
C ARG D 200 -9.64 -19.95 6.77
N LEU D 201 -10.14 -21.13 7.15
CA LEU D 201 -11.29 -21.28 8.03
C LEU D 201 -10.90 -21.64 9.47
N LYS D 202 -10.95 -22.93 9.83
CA LYS D 202 -10.55 -23.32 11.18
C LYS D 202 -9.09 -22.99 11.43
N SER D 203 -8.19 -23.47 10.58
CA SER D 203 -6.76 -23.14 10.71
C SER D 203 -6.51 -21.63 10.77
N GLY D 204 -7.22 -20.85 9.97
CA GLY D 204 -7.11 -19.41 10.03
C GLY D 204 -7.61 -18.86 11.35
N THR D 205 -8.71 -19.43 11.85
CA THR D 205 -9.24 -19.06 13.17
C THR D 205 -8.28 -19.48 14.30
N ALA D 206 -7.78 -20.71 14.20
CA ALA D 206 -6.87 -21.25 15.18
C ALA D 206 -5.59 -20.40 15.26
N GLN D 207 -5.15 -19.91 14.10
CA GLN D 207 -3.94 -19.09 14.01
C GLN D 207 -4.18 -17.67 14.53
N LYS D 208 -5.40 -17.19 14.42
CA LYS D 208 -5.71 -15.87 14.99
C LYS D 208 -5.69 -15.89 16.51
N MET D 209 -6.11 -17.01 17.10
CA MET D 209 -6.22 -17.12 18.55
C MET D 209 -4.85 -17.33 19.18
N VAL D 210 -4.01 -18.10 18.49
CA VAL D 210 -2.64 -18.29 18.95
C VAL D 210 -1.91 -16.95 18.93
N LEU D 211 -1.81 -16.32 17.77
CA LEU D 211 -1.15 -15.01 17.67
C LEU D 211 -1.70 -13.97 18.68
N ASN D 212 -3.02 -13.94 18.89
CA ASN D 212 -3.62 -13.02 19.88
C ASN D 212 -3.12 -13.36 21.29
N MET D 213 -2.88 -14.64 21.55
CA MET D 213 -2.39 -15.01 22.86
C MET D 213 -0.96 -14.54 23.02
N LEU D 214 -0.10 -14.89 22.06
CA LEU D 214 1.31 -14.50 22.08
C LEU D 214 1.50 -13.02 22.39
N THR D 215 0.74 -12.16 21.74
CA THR D 215 0.94 -10.73 21.94
C THR D 215 0.21 -10.21 23.17
N THR D 216 -1.03 -10.63 23.36
CA THR D 216 -1.82 -10.12 24.47
C THR D 216 -1.25 -10.60 25.80
N ALA D 217 -0.82 -11.86 25.87
CA ALA D 217 -0.15 -12.37 27.08
C ALA D 217 1.14 -11.60 27.35
N SER D 218 2.00 -11.55 26.33
CA SER D 218 3.26 -10.83 26.44
C SER D 218 3.06 -9.45 27.02
N MET D 219 2.35 -8.58 26.31
CA MET D 219 2.19 -7.22 26.76
C MET D 219 1.59 -7.09 28.19
N ILE D 220 0.84 -8.09 28.64
CA ILE D 220 0.34 -8.02 30.03
C ILE D 220 1.51 -8.26 30.98
N LEU D 221 2.31 -9.27 30.66
CA LEU D 221 3.47 -9.59 31.46
C LEU D 221 4.51 -8.46 31.48
N LEU D 222 4.60 -7.72 30.38
CA LEU D 222 5.52 -6.58 30.30
C LEU D 222 4.97 -5.24 30.83
N GLY D 223 3.78 -5.29 31.41
CA GLY D 223 3.25 -4.12 32.07
C GLY D 223 2.32 -3.26 31.23
N LYS D 224 1.91 -3.77 30.08
CA LYS D 224 1.12 -2.95 29.18
C LYS D 224 -0.35 -2.85 29.57
N CYS D 225 -0.65 -3.15 30.82
CA CYS D 225 -1.99 -2.93 31.35
C CYS D 225 -1.91 -2.78 32.84
N TYR D 226 -2.99 -2.30 33.43
CA TYR D 226 -3.13 -2.30 34.86
C TYR D 226 -4.45 -2.98 35.17
N GLU D 227 -4.40 -4.03 36.01
CA GLU D 227 -5.56 -4.91 36.26
C GLU D 227 -6.04 -5.51 34.94
N ASN D 228 -7.31 -5.33 34.58
CA ASN D 228 -7.69 -5.69 33.23
C ASN D 228 -8.00 -4.44 32.43
N LEU D 229 -7.41 -3.32 32.83
CA LEU D 229 -7.61 -2.07 32.14
C LEU D 229 -6.53 -1.82 31.11
N MET D 230 -6.97 -1.41 29.92
CA MET D 230 -6.06 -1.14 28.81
C MET D 230 -5.46 0.23 28.93
N VAL D 231 -4.56 0.42 29.90
CA VAL D 231 -3.73 1.60 29.90
C VAL D 231 -2.78 1.41 28.71
N ASP D 232 -2.07 2.46 28.31
CA ASP D 232 -1.24 2.40 27.11
C ASP D 232 -2.07 2.44 25.82
N VAL D 233 -3.36 2.70 25.95
CA VAL D 233 -4.20 2.90 24.78
C VAL D 233 -3.81 4.22 24.12
N GLN D 234 -3.80 4.23 22.79
CA GLN D 234 -3.66 5.48 22.04
C GLN D 234 -5.04 6.00 21.64
N ALA D 235 -5.40 7.19 22.12
CA ALA D 235 -6.67 7.77 21.78
C ALA D 235 -6.66 8.30 20.34
N SER D 236 -7.04 7.43 19.40
CA SER D 236 -7.08 7.77 17.97
C SER D 236 -8.40 8.41 17.54
N ASN D 237 -9.51 7.94 18.09
CA ASN D 237 -10.83 8.41 17.71
C ASN D 237 -11.65 8.89 18.91
N GLU D 238 -12.89 9.30 18.67
CA GLU D 238 -13.73 9.77 19.75
C GLU D 238 -14.03 8.66 20.76
N LYS D 239 -13.98 7.42 20.30
CA LYS D 239 -14.29 6.28 21.16
C LYS D 239 -13.19 6.02 22.19
N LEU D 240 -11.96 5.87 21.72
CA LEU D 240 -10.85 5.57 22.61
C LEU D 240 -10.56 6.77 23.51
N LYS D 241 -10.84 7.98 23.01
CA LYS D 241 -10.67 9.20 23.80
C LYS D 241 -11.55 9.16 25.05
N ALA D 242 -12.85 8.95 24.87
CA ALA D 242 -13.76 8.76 26.01
C ALA D 242 -13.32 7.59 26.90
N ARG D 243 -12.90 6.49 26.29
CA ARG D 243 -12.44 5.32 27.04
C ARG D 243 -11.23 5.65 27.91
N ALA D 244 -10.36 6.55 27.45
CA ALA D 244 -9.19 6.92 28.23
C ALA D 244 -9.64 7.47 29.56
N VAL D 245 -10.71 8.27 29.54
CA VAL D 245 -11.26 8.86 30.75
C VAL D 245 -11.83 7.77 31.62
N ARG D 246 -12.47 6.82 30.96
CA ARG D 246 -13.08 5.71 31.63
C ARG D 246 -12.01 4.89 32.35
N ILE D 247 -10.84 4.75 31.75
CA ILE D 247 -9.75 4.01 32.38
C ILE D 247 -9.29 4.71 33.65
N VAL D 248 -9.02 6.02 33.55
CA VAL D 248 -8.50 6.76 34.70
C VAL D 248 -9.50 6.76 35.87
N MET D 249 -10.80 6.80 35.56
CA MET D 249 -11.84 6.79 36.59
C MET D 249 -12.05 5.41 37.22
N GLN D 250 -11.97 4.35 36.42
CA GLN D 250 -12.13 2.99 36.91
C GLN D 250 -10.97 2.59 37.81
N ALA D 251 -9.84 3.26 37.63
CA ALA D 251 -8.62 2.88 38.33
C ALA D 251 -8.36 3.77 39.53
N THR D 252 -9.01 4.92 39.57
CA THR D 252 -8.79 5.86 40.67
C THR D 252 -10.06 6.29 41.39
N ASP D 253 -11.22 6.04 40.78
CA ASP D 253 -12.53 6.45 41.30
C ASP D 253 -12.56 7.94 41.49
N CYS D 254 -12.33 8.68 40.42
CA CYS D 254 -11.88 10.04 40.56
C CYS D 254 -12.72 11.13 39.90
N ASN D 255 -13.91 10.78 39.43
CA ASN D 255 -14.79 11.76 38.77
C ASN D 255 -14.32 12.27 37.41
N LYS D 256 -15.28 12.47 36.50
CA LYS D 256 -15.02 12.82 35.12
C LYS D 256 -14.09 14.02 34.99
N THR D 257 -14.32 15.03 35.81
CA THR D 257 -13.63 16.30 35.66
C THR D 257 -12.13 16.16 35.82
N LEU D 258 -11.71 15.62 36.96
CA LEU D 258 -10.28 15.49 37.24
C LEU D 258 -9.58 14.61 36.21
N ALA D 259 -10.17 13.45 35.92
CA ALA D 259 -9.57 12.49 35.01
C ALA D 259 -9.20 13.16 33.69
N GLU D 260 -10.18 13.88 33.14
CA GLU D 260 -9.98 14.67 31.93
C GLU D 260 -8.79 15.63 32.04
N GLN D 261 -8.84 16.53 33.02
CA GLN D 261 -7.77 17.51 33.21
C GLN D 261 -6.42 16.83 33.39
N THR D 262 -6.41 15.71 34.08
CA THR D 262 -5.16 14.98 34.27
C THR D 262 -4.67 14.44 32.95
N LEU D 263 -5.56 13.81 32.19
CA LEU D 263 -5.20 13.29 30.88
C LEU D 263 -4.77 14.42 29.95
N LEU D 264 -5.46 15.56 30.04
CA LEU D 264 -5.13 16.74 29.22
C LEU D 264 -3.72 17.21 29.55
N GLU D 265 -3.32 16.94 30.78
CA GLU D 265 -2.01 17.31 31.26
C GLU D 265 -1.02 16.25 30.86
N ALA D 266 -1.38 14.99 31.08
CA ALA D 266 -0.51 13.88 30.73
C ALA D 266 -0.55 13.46 29.26
N ASP D 267 -0.99 14.36 28.39
CA ASP D 267 -0.95 14.15 26.95
C ASP D 267 -1.67 12.86 26.54
N GLN D 268 -2.78 12.61 27.23
CA GLN D 268 -3.64 11.46 26.97
C GLN D 268 -2.96 10.11 27.27
N ASN D 269 -1.99 10.14 28.19
CA ASN D 269 -1.43 8.91 28.73
C ASN D 269 -2.19 8.47 29.98
N ALA D 270 -3.05 7.48 29.84
CA ALA D 270 -3.84 7.02 30.99
C ALA D 270 -2.96 6.39 32.08
N LYS D 271 -1.89 5.72 31.67
CA LYS D 271 -0.97 5.12 32.64
C LYS D 271 -0.28 6.20 33.50
N LEU D 272 0.25 7.22 32.85
CA LEU D 272 0.81 8.37 33.56
C LEU D 272 -0.24 9.07 34.42
N ALA D 273 -1.40 9.34 33.82
CA ALA D 273 -2.48 10.01 34.52
C ALA D 273 -2.94 9.26 35.78
N ILE D 274 -3.07 7.94 35.68
CA ILE D 274 -3.41 7.11 36.83
C ILE D 274 -2.34 7.21 37.92
N MET D 275 -1.09 7.35 37.48
CA MET D 275 0.07 7.43 38.38
C MET D 275 0.15 8.77 39.10
N MET D 276 -0.03 9.86 38.36
CA MET D 276 0.05 11.19 38.94
C MET D 276 -1.03 11.39 39.98
N ILE D 277 -2.20 10.82 39.73
CA ILE D 277 -3.35 11.06 40.58
C ILE D 277 -3.27 10.35 41.92
N LEU D 278 -3.08 9.04 41.89
CA LEU D 278 -3.05 8.24 43.12
C LEU D 278 -1.78 8.43 43.95
N SER D 279 -0.70 8.81 43.30
CA SER D 279 0.55 9.02 44.01
C SER D 279 0.77 10.50 44.23
N THR D 280 -0.18 11.30 43.77
CA THR D 280 -0.14 12.75 43.96
C THR D 280 1.16 13.40 43.53
N LEU D 281 1.93 12.71 42.68
CA LEU D 281 3.12 13.29 42.08
C LEU D 281 2.79 14.10 40.84
N SER D 282 3.84 14.64 40.24
CA SER D 282 3.73 15.36 38.98
C SER D 282 4.13 14.49 37.80
N LYS D 283 3.88 15.00 36.61
CA LYS D 283 4.13 14.31 35.36
C LYS D 283 5.59 13.97 35.20
N SER D 284 6.44 14.87 35.68
CA SER D 284 7.87 14.64 35.71
C SER D 284 8.21 13.46 36.62
N GLU D 285 7.79 13.54 37.88
CA GLU D 285 8.12 12.47 38.83
C GLU D 285 7.35 11.18 38.63
N ALA D 286 6.11 11.27 38.15
CA ALA D 286 5.37 10.06 37.80
C ALA D 286 6.06 9.35 36.65
N LYS D 287 6.56 10.13 35.68
CA LYS D 287 7.21 9.54 34.51
C LYS D 287 8.52 8.83 34.85
N VAL D 288 9.27 9.37 35.81
CA VAL D 288 10.52 8.72 36.23
C VAL D 288 10.31 7.56 37.17
N LEU D 289 9.36 7.68 38.10
CA LEU D 289 9.13 6.60 39.06
C LEU D 289 8.58 5.35 38.36
N LEU D 290 7.98 5.58 37.19
CA LEU D 290 7.39 4.50 36.42
C LEU D 290 8.41 3.69 35.66
N GLU D 291 9.44 4.34 35.14
CA GLU D 291 10.51 3.61 34.45
C GLU D 291 11.40 2.93 35.47
N ARG D 292 11.34 3.39 36.71
CA ARG D 292 12.08 2.75 37.79
C ARG D 292 11.48 1.36 38.00
N HIS D 293 10.20 1.22 37.73
CA HIS D 293 9.62 -0.12 37.78
C HIS D 293 9.19 -0.59 36.38
N GLN D 294 9.92 -0.14 35.36
CA GLN D 294 9.74 -0.57 33.97
C GLN D 294 8.30 -0.42 33.43
N GLY D 295 7.61 0.65 33.84
CA GLY D 295 6.27 0.91 33.36
C GLY D 295 5.24 -0.06 33.92
N LYS D 296 5.65 -0.84 34.92
CA LYS D 296 4.71 -1.74 35.56
C LYS D 296 4.00 -1.00 36.67
N LEU D 297 2.83 -0.48 36.32
CA LEU D 297 2.06 0.44 37.17
C LEU D 297 1.76 -0.13 38.55
N ARG D 298 1.88 -1.44 38.72
CA ARG D 298 1.54 -1.98 40.01
C ARG D 298 2.75 -2.09 40.95
N ASN D 299 3.95 -2.21 40.37
CA ASN D 299 5.18 -2.08 41.17
C ASN D 299 5.38 -0.64 41.60
N ALA D 300 5.84 0.21 40.68
CA ALA D 300 5.79 1.67 40.85
C ALA D 300 4.39 1.94 41.30
N LEU D 301 4.21 2.77 42.33
CA LEU D 301 2.90 2.86 43.01
C LEU D 301 2.66 1.54 43.70
N SER D 302 2.65 1.58 45.03
CA SER D 302 2.80 0.41 45.92
C SER D 302 4.28 -0.01 46.06
N LYS D 303 4.61 -1.23 45.62
CA LYS D 303 5.94 -1.79 45.81
C LYS D 303 6.37 -1.73 47.28
#